data_7MYL
#
_entry.id   7MYL
#
_cell.length_a   55.072
_cell.length_b   72.890
_cell.length_c   125.122
_cell.angle_alpha   90.000
_cell.angle_beta   90.560
_cell.angle_gamma   90.000
#
_symmetry.space_group_name_H-M   'P 1 21 1'
#
loop_
_entity.id
_entity.type
_entity.pdbx_description
1 polymer 'Dihydrofolate reductase'
2 non-polymer TRIMETHOPRIM
3 water water
#
_entity_poly.entity_id   1
_entity_poly.type   'polypeptide(L)'
_entity_poly.pdbx_seq_one_letter_code
;MKLSLMVAISKNGVIGNGPDIPWSAKGEQLLFKAITYNQWLLVGRKTFESMGALPNRKYAVVTRSSFTSDNENVLIFPSI
KDALTNLKKITDHVIVSGGGEIYKSLIDQVDTLHISTIDIEPEGDVYFPEIPSNFRPVFTQDFASNINYSYQIWQKGLEH
H
;
_entity_poly.pdbx_strand_id   A,B,C,D,E,F
#
# COMPACT_ATOMS: atom_id res chain seq x y z
N MET A 1 -6.72 -20.27 -10.17
CA MET A 1 -6.79 -19.94 -11.62
C MET A 1 -5.38 -19.66 -12.16
N LYS A 2 -4.91 -20.50 -13.10
CA LYS A 2 -3.62 -20.31 -13.82
C LYS A 2 -3.73 -19.06 -14.72
N LEU A 3 -2.72 -18.21 -14.68
CA LEU A 3 -2.56 -17.05 -15.60
C LEU A 3 -1.38 -17.33 -16.51
N SER A 4 -1.62 -17.32 -17.82
CA SER A 4 -0.59 -17.35 -18.88
C SER A 4 -0.49 -15.94 -19.47
N LEU A 5 0.61 -15.68 -20.16
CA LEU A 5 0.85 -14.46 -20.95
C LEU A 5 1.39 -14.90 -22.30
N MET A 6 0.88 -14.35 -23.39
CA MET A 6 1.38 -14.65 -24.74
C MET A 6 1.60 -13.34 -25.49
N VAL A 7 2.77 -13.22 -26.12
CA VAL A 7 3.21 -12.01 -26.89
C VAL A 7 4.19 -12.40 -28.00
N ALA A 8 4.21 -11.59 -29.05
CA ALA A 8 5.22 -11.57 -30.13
C ALA A 8 5.99 -10.24 -30.04
N ILE A 9 7.33 -10.31 -29.93
CA ILE A 9 8.24 -9.13 -29.76
C ILE A 9 9.36 -9.22 -30.81
N SER A 10 9.88 -8.09 -31.25
CA SER A 10 11.18 -8.01 -31.98
C SER A 10 12.31 -8.35 -31.00
N LYS A 11 13.54 -8.45 -31.50
CA LYS A 11 14.76 -8.72 -30.69
C LYS A 11 14.96 -7.61 -29.62
N ASN A 12 14.62 -6.36 -29.96
CA ASN A 12 14.78 -5.20 -29.03
C ASN A 12 13.58 -5.11 -28.06
N GLY A 13 12.48 -5.84 -28.32
CA GLY A 13 11.33 -5.96 -27.41
C GLY A 13 10.14 -5.12 -27.83
N VAL A 14 10.13 -4.58 -29.05
CA VAL A 14 8.93 -3.89 -29.65
C VAL A 14 7.81 -4.94 -29.72
N ILE A 15 6.60 -4.60 -29.29
CA ILE A 15 5.42 -5.52 -29.38
C ILE A 15 4.97 -5.62 -30.84
N GLY A 16 4.92 -6.86 -31.37
CA GLY A 16 4.66 -7.15 -32.79
C GLY A 16 3.36 -7.90 -32.95
N ASN A 17 2.48 -7.85 -31.95
CA ASN A 17 1.13 -8.47 -31.99
C ASN A 17 0.31 -7.84 -33.13
N GLY A 18 0.39 -6.51 -33.27
CA GLY A 18 -0.56 -5.61 -33.97
C GLY A 18 -0.86 -6.04 -35.40
N PRO A 19 -1.95 -5.52 -36.03
CA PRO A 19 -2.47 -6.05 -37.29
C PRO A 19 -1.62 -5.77 -38.54
N ASP A 20 -1.17 -4.52 -38.70
CA ASP A 20 -0.44 -4.06 -39.91
C ASP A 20 1.03 -3.81 -39.53
N ILE A 21 1.58 -4.67 -38.66
CA ILE A 21 3.04 -4.75 -38.32
C ILE A 21 3.73 -5.37 -39.53
N PRO A 22 4.69 -4.69 -40.19
CA PRO A 22 5.24 -5.18 -41.46
C PRO A 22 6.40 -6.17 -41.29
N TRP A 23 6.88 -6.40 -40.06
CA TRP A 23 7.99 -7.35 -39.77
C TRP A 23 7.44 -8.62 -39.12
N SER A 24 6.18 -8.98 -39.44
CA SER A 24 5.58 -10.27 -39.00
C SER A 24 6.29 -11.42 -39.74
N ALA A 25 6.39 -12.56 -39.06
CA ALA A 25 7.08 -13.77 -39.55
C ALA A 25 6.03 -14.80 -39.94
N LYS A 26 5.98 -15.17 -41.22
CA LYS A 26 5.08 -16.23 -41.73
C LYS A 26 5.27 -17.45 -40.82
N GLY A 27 4.18 -17.96 -40.25
CA GLY A 27 4.16 -19.20 -39.44
C GLY A 27 4.06 -18.94 -37.95
N GLU A 28 4.57 -17.81 -37.45
CA GLU A 28 4.59 -17.48 -36.01
C GLU A 28 3.16 -17.45 -35.44
N GLN A 29 2.20 -16.88 -36.19
CA GLN A 29 0.81 -16.68 -35.67
C GLN A 29 0.12 -18.05 -35.47
N LEU A 30 0.69 -19.12 -35.99
CA LEU A 30 0.20 -20.50 -35.74
C LEU A 30 0.32 -20.84 -34.26
N LEU A 31 1.36 -20.36 -33.59
CA LEU A 31 1.60 -20.65 -32.15
C LEU A 31 0.45 -20.04 -31.33
N PHE A 32 0.12 -18.78 -31.64
CA PHE A 32 -0.92 -18.00 -30.93
C PHE A 32 -2.26 -18.70 -31.12
N LYS A 33 -2.53 -19.11 -32.36
CA LYS A 33 -3.77 -19.84 -32.74
C LYS A 33 -3.85 -21.16 -31.98
N ALA A 34 -2.74 -21.89 -31.83
CA ALA A 34 -2.73 -23.23 -31.20
C ALA A 34 -2.99 -23.10 -29.70
N ILE A 35 -2.29 -22.19 -29.04
CA ILE A 35 -2.23 -22.09 -27.54
C ILE A 35 -3.52 -21.47 -26.98
N THR A 36 -4.20 -20.62 -27.76
CA THR A 36 -5.41 -19.85 -27.36
C THR A 36 -6.70 -20.61 -27.73
N TYR A 37 -6.62 -21.78 -28.37
CA TYR A 37 -7.81 -22.54 -28.84
C TYR A 37 -8.76 -22.78 -27.67
N ASN A 38 -9.99 -22.23 -27.78
CA ASN A 38 -11.08 -22.32 -26.77
C ASN A 38 -10.55 -21.84 -25.42
N GLN A 39 -9.73 -20.80 -25.41
CA GLN A 39 -9.22 -20.16 -24.17
C GLN A 39 -9.85 -18.78 -23.96
N TRP A 40 -9.98 -18.40 -22.68
CA TRP A 40 -10.22 -17.01 -22.21
C TRP A 40 -8.97 -16.15 -22.42
N LEU A 41 -9.10 -15.06 -23.18
CA LEU A 41 -8.00 -14.08 -23.39
C LEU A 41 -8.32 -12.80 -22.61
N LEU A 42 -7.39 -12.33 -21.78
CA LEU A 42 -7.47 -11.00 -21.12
C LEU A 42 -6.70 -10.00 -21.99
N VAL A 43 -7.43 -9.01 -22.50
CA VAL A 43 -6.95 -8.04 -23.53
C VAL A 43 -7.47 -6.66 -23.14
N GLY A 44 -6.76 -5.60 -23.55
CA GLY A 44 -7.25 -4.22 -23.50
C GLY A 44 -8.10 -3.95 -24.70
N ARG A 45 -8.66 -2.75 -24.79
CA ARG A 45 -9.67 -2.38 -25.82
C ARG A 45 -9.01 -2.37 -27.21
N LYS A 46 -7.85 -1.73 -27.37
CA LYS A 46 -7.19 -1.58 -28.69
C LYS A 46 -6.87 -2.97 -29.26
N THR A 47 -6.37 -3.88 -28.40
CA THR A 47 -6.05 -5.29 -28.78
C THR A 47 -7.33 -5.96 -29.25
N PHE A 48 -8.43 -5.86 -28.48
CA PHE A 48 -9.70 -6.52 -28.87
C PHE A 48 -10.09 -6.06 -30.27
N GLU A 49 -10.18 -4.74 -30.49
CA GLU A 49 -10.69 -4.11 -31.74
C GLU A 49 -9.79 -4.43 -32.96
N SER A 50 -8.46 -4.44 -32.81
CA SER A 50 -7.51 -4.81 -33.89
C SER A 50 -7.69 -6.30 -34.25
N MET A 51 -7.82 -7.18 -33.24
CA MET A 51 -7.89 -8.65 -33.39
C MET A 51 -9.27 -9.08 -33.90
N GLY A 52 -10.35 -8.45 -33.40
CA GLY A 52 -11.73 -8.93 -33.57
C GLY A 52 -11.99 -10.17 -32.72
N ALA A 53 -13.26 -10.59 -32.64
CA ALA A 53 -13.72 -11.78 -31.88
C ALA A 53 -13.49 -13.02 -32.74
N LEU A 54 -12.28 -13.60 -32.66
CA LEU A 54 -11.85 -14.70 -33.56
C LEU A 54 -12.60 -15.97 -33.15
N PRO A 55 -12.89 -16.88 -34.11
CA PRO A 55 -13.48 -18.18 -33.78
C PRO A 55 -12.74 -18.85 -32.60
N ASN A 56 -13.48 -19.55 -31.73
CA ASN A 56 -12.97 -20.46 -30.66
C ASN A 56 -12.18 -19.70 -29.60
N ARG A 57 -12.36 -18.39 -29.47
CA ARG A 57 -11.73 -17.61 -28.38
C ARG A 57 -12.80 -16.89 -27.58
N LYS A 58 -12.58 -16.78 -26.27
CA LYS A 58 -13.43 -16.03 -25.32
C LYS A 58 -12.59 -14.87 -24.79
N TYR A 59 -13.22 -13.73 -24.54
CA TYR A 59 -12.52 -12.43 -24.33
C TYR A 59 -12.96 -11.83 -23.00
N ALA A 60 -12.00 -11.46 -22.16
CA ALA A 60 -12.19 -10.55 -21.02
C ALA A 60 -11.49 -9.24 -21.38
N VAL A 61 -12.26 -8.24 -21.81
CA VAL A 61 -11.72 -6.92 -22.29
C VAL A 61 -11.71 -5.96 -21.11
N VAL A 62 -10.54 -5.52 -20.63
CA VAL A 62 -10.47 -4.52 -19.52
C VAL A 62 -10.24 -3.13 -20.13
N THR A 63 -11.18 -2.24 -19.80
CA THR A 63 -11.29 -0.81 -20.18
C THR A 63 -12.26 -0.14 -19.20
N ARG A 64 -11.96 1.09 -18.78
CA ARG A 64 -12.92 1.99 -18.09
C ARG A 64 -13.45 3.02 -19.10
N SER A 65 -13.23 2.79 -20.39
CA SER A 65 -13.93 3.49 -21.51
C SER A 65 -15.35 2.90 -21.63
N SER A 66 -16.22 3.55 -22.39
CA SER A 66 -17.64 3.14 -22.56
C SER A 66 -17.74 2.12 -23.70
N PHE A 67 -16.91 1.08 -23.65
CA PHE A 67 -16.91 -0.04 -24.62
C PHE A 67 -18.10 -0.97 -24.33
N THR A 68 -18.66 -1.54 -25.40
CA THR A 68 -19.92 -2.32 -25.39
C THR A 68 -19.75 -3.50 -26.36
N SER A 69 -20.39 -4.64 -26.07
CA SER A 69 -20.47 -5.82 -26.99
C SER A 69 -21.81 -6.54 -26.82
N ASP A 70 -22.31 -7.20 -27.87
CA ASP A 70 -23.49 -8.08 -27.78
C ASP A 70 -23.07 -9.52 -28.13
N ASN A 71 -21.76 -9.78 -28.15
CA ASN A 71 -21.17 -11.14 -28.30
C ASN A 71 -21.14 -11.78 -26.90
N GLU A 72 -21.80 -12.92 -26.73
CA GLU A 72 -21.90 -13.60 -25.42
C GLU A 72 -20.50 -14.12 -25.02
N ASN A 73 -19.57 -14.26 -25.97
CA ASN A 73 -18.19 -14.74 -25.66
C ASN A 73 -17.25 -13.56 -25.39
N VAL A 74 -17.77 -12.34 -25.16
CA VAL A 74 -16.98 -11.11 -24.89
C VAL A 74 -17.51 -10.41 -23.64
N LEU A 75 -16.81 -10.55 -22.50
CA LEU A 75 -17.12 -9.85 -21.23
C LEU A 75 -16.21 -8.62 -21.09
N ILE A 76 -16.78 -7.49 -20.62
CA ILE A 76 -16.10 -6.16 -20.41
C ILE A 76 -15.93 -5.95 -18.90
N PHE A 77 -14.77 -5.44 -18.48
CA PHE A 77 -14.41 -5.26 -17.05
C PHE A 77 -13.67 -3.93 -16.88
N PRO A 78 -13.99 -3.14 -15.84
CA PRO A 78 -13.42 -1.79 -15.71
C PRO A 78 -11.94 -1.86 -15.31
N SER A 79 -11.53 -2.92 -14.58
CA SER A 79 -10.13 -3.12 -14.10
C SER A 79 -9.69 -4.58 -14.24
N ILE A 80 -8.38 -4.79 -14.18
CA ILE A 80 -7.71 -6.12 -14.16
C ILE A 80 -8.21 -6.90 -12.93
N LYS A 81 -8.18 -6.28 -11.74
CA LYS A 81 -8.58 -6.90 -10.45
C LYS A 81 -9.99 -7.49 -10.62
N ASP A 82 -10.90 -6.69 -11.18
CA ASP A 82 -12.33 -7.06 -11.38
C ASP A 82 -12.43 -8.21 -12.39
N ALA A 83 -11.70 -8.15 -13.51
CA ALA A 83 -11.63 -9.24 -14.52
C ALA A 83 -11.23 -10.54 -13.84
N LEU A 84 -10.10 -10.55 -13.11
CA LEU A 84 -9.49 -11.76 -12.49
C LEU A 84 -10.46 -12.39 -11.50
N THR A 85 -11.00 -11.60 -10.57
CA THR A 85 -11.99 -12.01 -9.53
C THR A 85 -13.19 -12.71 -10.17
N ASN A 86 -13.65 -12.18 -11.29
CA ASN A 86 -14.86 -12.65 -12.01
C ASN A 86 -14.51 -13.90 -12.83
N LEU A 87 -13.34 -13.96 -13.46
CA LEU A 87 -12.95 -15.15 -14.29
C LEU A 87 -12.63 -16.34 -13.37
N LYS A 88 -12.28 -16.10 -12.10
CA LYS A 88 -11.99 -17.19 -11.12
C LYS A 88 -13.23 -18.08 -10.96
N LYS A 89 -14.43 -17.54 -11.24
CA LYS A 89 -15.73 -18.24 -11.05
C LYS A 89 -16.18 -18.91 -12.37
N ILE A 90 -15.44 -18.69 -13.46
CA ILE A 90 -15.84 -19.06 -14.86
C ILE A 90 -14.86 -20.11 -15.44
N THR A 91 -13.56 -19.95 -15.23
CA THR A 91 -12.49 -20.76 -15.89
C THR A 91 -11.32 -20.99 -14.92
N ASP A 92 -10.51 -22.01 -15.22
CA ASP A 92 -9.27 -22.37 -14.48
C ASP A 92 -8.05 -21.69 -15.10
N HIS A 93 -8.19 -21.13 -16.31
CA HIS A 93 -7.04 -20.64 -17.13
C HIS A 93 -7.42 -19.34 -17.85
N VAL A 94 -6.58 -18.32 -17.74
CA VAL A 94 -6.69 -17.05 -18.52
C VAL A 94 -5.31 -16.75 -19.12
N ILE A 95 -5.30 -16.38 -20.41
CA ILE A 95 -4.10 -15.97 -21.19
C ILE A 95 -4.16 -14.46 -21.44
N VAL A 96 -3.23 -13.72 -20.84
CA VAL A 96 -3.04 -12.26 -21.07
C VAL A 96 -2.43 -12.10 -22.46
N SER A 97 -3.13 -11.47 -23.39
CA SER A 97 -2.83 -11.51 -24.84
C SER A 97 -2.65 -10.09 -25.40
N GLY A 98 -2.56 -9.10 -24.51
CA GLY A 98 -1.81 -7.86 -24.76
C GLY A 98 -2.60 -6.58 -24.66
N GLY A 99 -1.98 -5.54 -25.20
CA GLY A 99 -1.77 -4.23 -24.55
C GLY A 99 -0.43 -4.20 -23.86
N GLY A 100 0.42 -3.23 -24.24
CA GLY A 100 1.63 -2.88 -23.49
C GLY A 100 1.34 -2.75 -22.00
N GLU A 101 0.33 -1.98 -21.62
CA GLU A 101 0.05 -1.65 -20.19
C GLU A 101 -0.64 -2.84 -19.51
N ILE A 102 -1.48 -3.58 -20.24
CA ILE A 102 -2.00 -4.90 -19.77
C ILE A 102 -0.78 -5.75 -19.35
N TYR A 103 0.20 -5.93 -20.22
CA TYR A 103 1.39 -6.78 -19.94
C TYR A 103 2.19 -6.25 -18.74
N LYS A 104 2.46 -4.95 -18.72
CA LYS A 104 3.18 -4.25 -17.61
C LYS A 104 2.42 -4.45 -16.28
N SER A 105 1.10 -4.33 -16.28
CA SER A 105 0.24 -4.46 -15.06
C SER A 105 0.32 -5.89 -14.48
N LEU A 106 0.56 -6.90 -15.32
CA LEU A 106 0.24 -8.32 -14.98
C LEU A 106 1.47 -9.22 -14.95
N ILE A 107 2.59 -8.86 -15.58
CA ILE A 107 3.71 -9.81 -15.81
C ILE A 107 4.20 -10.43 -14.49
N ASP A 108 4.12 -9.73 -13.36
CA ASP A 108 4.59 -10.25 -12.03
C ASP A 108 3.63 -11.32 -11.49
N GLN A 109 2.37 -11.32 -11.92
CA GLN A 109 1.28 -12.18 -11.38
C GLN A 109 1.15 -13.49 -12.19
N VAL A 110 1.70 -13.58 -13.40
CA VAL A 110 1.39 -14.73 -14.31
C VAL A 110 2.35 -15.89 -13.99
N ASP A 111 1.94 -17.11 -14.35
CA ASP A 111 2.65 -18.37 -14.02
C ASP A 111 3.55 -18.78 -15.20
N THR A 112 3.07 -18.56 -16.43
CA THR A 112 3.71 -19.01 -17.69
C THR A 112 3.72 -17.88 -18.71
N LEU A 113 4.87 -17.67 -19.38
CA LEU A 113 5.09 -16.76 -20.53
C LEU A 113 5.21 -17.62 -21.78
N HIS A 114 4.51 -17.23 -22.87
CA HIS A 114 4.72 -17.72 -24.25
C HIS A 114 5.26 -16.58 -25.11
N ILE A 115 6.57 -16.57 -25.39
CA ILE A 115 7.21 -15.43 -26.11
C ILE A 115 7.76 -15.89 -27.48
N SER A 116 7.27 -15.24 -28.54
CA SER A 116 7.79 -15.34 -29.93
C SER A 116 8.72 -14.14 -30.15
N THR A 117 10.00 -14.39 -30.40
CA THR A 117 10.99 -13.32 -30.72
C THR A 117 11.30 -13.42 -32.21
N ILE A 118 10.94 -12.37 -32.95
CA ILE A 118 11.22 -12.20 -34.41
C ILE A 118 12.61 -11.53 -34.52
N ASP A 119 13.47 -12.10 -35.38
CA ASP A 119 14.91 -11.76 -35.46
C ASP A 119 15.05 -10.50 -36.31
N ILE A 120 14.67 -9.36 -35.73
CA ILE A 120 14.74 -8.01 -36.37
C ILE A 120 14.70 -7.01 -35.23
N GLU A 121 15.23 -5.81 -35.47
CA GLU A 121 15.35 -4.71 -34.47
C GLU A 121 14.78 -3.44 -35.10
N PRO A 122 13.44 -3.37 -35.28
CA PRO A 122 12.79 -2.25 -35.96
C PRO A 122 12.57 -1.10 -34.97
N GLU A 123 11.99 0.01 -35.44
CA GLU A 123 11.59 1.19 -34.62
C GLU A 123 10.16 0.96 -34.11
N GLY A 124 9.92 1.19 -32.82
CA GLY A 124 8.56 1.17 -32.22
C GLY A 124 8.48 2.03 -30.96
N ASP A 125 7.27 2.30 -30.49
CA ASP A 125 7.01 3.18 -29.31
C ASP A 125 6.40 2.37 -28.16
N VAL A 126 6.12 1.08 -28.37
CA VAL A 126 5.49 0.19 -27.34
C VAL A 126 6.38 -1.03 -27.17
N TYR A 127 6.97 -1.16 -25.98
CA TYR A 127 7.91 -2.24 -25.59
C TYR A 127 7.26 -3.14 -24.55
N PHE A 128 7.54 -4.44 -24.68
CA PHE A 128 7.23 -5.48 -23.67
C PHE A 128 8.08 -5.21 -22.44
N PRO A 129 7.59 -5.40 -21.20
CA PRO A 129 8.42 -5.17 -20.01
C PRO A 129 9.59 -6.17 -19.92
N GLU A 130 10.56 -5.87 -19.05
CA GLU A 130 11.68 -6.80 -18.73
C GLU A 130 11.07 -8.03 -18.06
N ILE A 131 11.50 -9.23 -18.44
CA ILE A 131 11.04 -10.49 -17.80
C ILE A 131 11.60 -10.53 -16.38
N PRO A 132 10.75 -10.56 -15.32
CA PRO A 132 11.23 -10.70 -13.95
C PRO A 132 12.24 -11.83 -13.73
N SER A 133 12.94 -11.75 -12.60
CA SER A 133 14.08 -12.62 -12.23
C SER A 133 13.60 -14.05 -11.88
N ASN A 134 12.35 -14.23 -11.43
CA ASN A 134 11.88 -15.53 -10.84
C ASN A 134 11.20 -16.39 -11.92
N PHE A 135 11.24 -15.95 -13.18
CA PHE A 135 10.92 -16.76 -14.40
C PHE A 135 12.20 -17.40 -14.96
N ARG A 136 12.13 -18.63 -15.45
CA ARG A 136 13.25 -19.29 -16.17
C ARG A 136 12.70 -19.93 -17.45
N PRO A 137 13.48 -19.94 -18.57
CA PRO A 137 13.02 -20.57 -19.81
C PRO A 137 13.12 -22.08 -19.65
N VAL A 138 12.06 -22.80 -20.05
CA VAL A 138 11.95 -24.28 -19.87
C VAL A 138 11.74 -24.96 -21.23
N PHE A 139 11.60 -24.18 -22.31
CA PHE A 139 11.50 -24.74 -23.67
C PHE A 139 11.79 -23.66 -24.73
N THR A 140 12.52 -24.02 -25.78
CA THR A 140 12.99 -23.09 -26.84
C THR A 140 12.98 -23.82 -28.17
N GLN A 141 12.48 -23.18 -29.22
CA GLN A 141 12.55 -23.76 -30.58
C GLN A 141 12.70 -22.64 -31.59
N ASP A 142 13.59 -22.84 -32.56
CA ASP A 142 13.89 -21.88 -33.66
C ASP A 142 13.14 -22.32 -34.92
N PHE A 143 12.76 -21.33 -35.72
CA PHE A 143 12.03 -21.47 -37.01
C PHE A 143 12.73 -20.58 -38.03
N ALA A 144 13.16 -21.14 -39.15
CA ALA A 144 13.53 -20.35 -40.36
C ALA A 144 12.23 -19.94 -41.04
N SER A 145 12.09 -18.66 -41.40
CA SER A 145 10.99 -18.14 -42.26
C SER A 145 11.45 -16.87 -43.00
N ASN A 146 10.53 -16.14 -43.67
CA ASN A 146 10.86 -14.86 -44.35
C ASN A 146 11.74 -14.02 -43.42
N ILE A 147 11.30 -13.82 -42.18
CA ILE A 147 12.14 -13.36 -41.03
C ILE A 147 12.11 -14.49 -40.01
N ASN A 148 13.27 -14.88 -39.48
CA ASN A 148 13.39 -16.02 -38.53
C ASN A 148 12.74 -15.65 -37.21
N TYR A 149 12.25 -16.65 -36.47
CA TYR A 149 11.71 -16.40 -35.11
C TYR A 149 12.03 -17.58 -34.21
N SER A 150 11.98 -17.27 -32.92
CA SER A 150 12.23 -18.17 -31.79
C SER A 150 10.99 -18.17 -30.89
N TYR A 151 10.53 -19.35 -30.47
CA TYR A 151 9.42 -19.55 -29.51
C TYR A 151 9.99 -20.11 -28.21
N GLN A 152 9.71 -19.43 -27.10
CA GLN A 152 10.26 -19.76 -25.78
C GLN A 152 9.11 -19.71 -24.76
N ILE A 153 9.00 -20.75 -23.93
CA ILE A 153 8.05 -20.81 -22.78
C ILE A 153 8.87 -20.62 -21.50
N TRP A 154 8.41 -19.73 -20.61
CA TRP A 154 9.03 -19.47 -19.29
C TRP A 154 8.05 -19.91 -18.21
N GLN A 155 8.58 -20.33 -17.06
CA GLN A 155 7.80 -20.69 -15.85
C GLN A 155 8.36 -19.91 -14.64
N LYS A 156 7.47 -19.45 -13.78
CA LYS A 156 7.77 -18.86 -12.44
C LYS A 156 7.97 -20.02 -11.46
N GLY A 157 9.02 -19.95 -10.63
CA GLY A 157 9.32 -20.95 -9.59
C GLY A 157 8.94 -20.45 -8.20
N MET B 1 -32.30 -1.20 -3.88
CA MET B 1 -31.01 -1.13 -3.12
C MET B 1 -31.27 -1.01 -1.62
N LYS B 2 -30.76 -1.96 -0.81
CA LYS B 2 -30.80 -1.87 0.68
C LYS B 2 -29.78 -0.84 1.16
N LEU B 3 -30.16 -0.06 2.18
CA LEU B 3 -29.28 0.86 2.91
C LEU B 3 -29.17 0.32 4.33
N SER B 4 -27.95 0.05 4.76
CA SER B 4 -27.56 -0.25 6.16
C SER B 4 -26.81 0.97 6.71
N LEU B 5 -26.72 1.06 8.03
CA LEU B 5 -25.93 2.10 8.71
C LEU B 5 -25.23 1.38 9.86
N MET B 6 -23.96 1.70 10.07
CA MET B 6 -23.10 1.08 11.11
C MET B 6 -22.30 2.18 11.80
N VAL B 7 -22.25 2.12 13.14
CA VAL B 7 -21.59 3.11 14.03
C VAL B 7 -21.24 2.43 15.35
N ALA B 8 -20.12 2.84 15.94
CA ALA B 8 -19.79 2.67 17.37
C ALA B 8 -20.12 3.99 18.09
N ILE B 9 -20.86 3.92 19.21
CA ILE B 9 -21.16 5.08 20.10
C ILE B 9 -20.81 4.73 21.55
N SER B 10 -20.68 5.77 22.38
CA SER B 10 -20.71 5.69 23.85
C SER B 10 -22.16 5.54 24.31
N LYS B 11 -22.36 5.24 25.61
CA LYS B 11 -23.68 5.10 26.29
C LYS B 11 -24.48 6.41 26.15
N ASN B 12 -23.80 7.56 26.02
CA ASN B 12 -24.42 8.92 25.94
C ASN B 12 -24.46 9.40 24.48
N GLY B 13 -24.04 8.57 23.53
CA GLY B 13 -24.25 8.78 22.08
C GLY B 13 -23.09 9.49 21.40
N VAL B 14 -21.93 9.64 22.04
CA VAL B 14 -20.72 10.20 21.37
C VAL B 14 -20.25 9.20 20.31
N ILE B 15 -19.92 9.68 19.11
CA ILE B 15 -19.44 8.82 17.99
C ILE B 15 -18.00 8.38 18.29
N GLY B 16 -17.76 7.07 18.26
CA GLY B 16 -16.48 6.43 18.62
C GLY B 16 -15.91 5.61 17.49
N ASN B 17 -16.18 5.97 16.24
CA ASN B 17 -15.57 5.32 15.05
C ASN B 17 -14.07 5.63 15.00
N GLY B 18 -13.70 6.85 15.44
CA GLY B 18 -12.55 7.66 14.97
C GLY B 18 -11.19 7.03 15.26
N PRO B 19 -10.12 7.54 14.60
CA PRO B 19 -8.85 6.83 14.53
C PRO B 19 -8.24 6.53 15.91
N ASP B 20 -8.21 7.53 16.79
CA ASP B 20 -7.41 7.47 18.04
C ASP B 20 -8.34 7.84 19.20
N ILE B 21 -9.43 7.07 19.36
CA ILE B 21 -10.41 7.23 20.47
C ILE B 21 -9.87 6.44 21.66
N PRO B 22 -9.67 7.09 22.84
CA PRO B 22 -9.08 6.41 23.99
C PRO B 22 -10.00 5.35 24.64
N TRP B 23 -11.31 5.39 24.40
CA TRP B 23 -12.29 4.46 25.01
C TRP B 23 -12.79 3.43 24.00
N SER B 24 -12.04 3.17 22.93
CA SER B 24 -12.34 2.08 21.98
C SER B 24 -12.20 0.75 22.74
N ALA B 25 -13.04 -0.24 22.43
CA ALA B 25 -13.17 -1.51 23.18
C ALA B 25 -12.57 -2.65 22.36
N LYS B 26 -11.69 -3.44 22.98
CA LYS B 26 -11.03 -4.61 22.34
C LYS B 26 -12.12 -5.56 21.87
N GLY B 27 -12.19 -5.84 20.57
CA GLY B 27 -13.07 -6.86 19.97
C GLY B 27 -14.22 -6.24 19.19
N GLU B 28 -14.63 -5.02 19.55
CA GLU B 28 -15.79 -4.33 18.94
C GLU B 28 -15.55 -4.17 17.44
N GLN B 29 -14.33 -3.83 17.05
CA GLN B 29 -13.95 -3.51 15.65
C GLN B 29 -14.08 -4.74 14.76
N LEU B 30 -14.05 -5.94 15.33
CA LEU B 30 -14.28 -7.18 14.54
C LEU B 30 -15.66 -7.16 13.87
N LEU B 31 -16.69 -6.56 14.50
CA LEU B 31 -18.08 -6.49 13.95
C LEU B 31 -18.08 -5.61 12.70
N PHE B 32 -17.41 -4.44 12.73
CA PHE B 32 -17.22 -3.53 11.57
C PHE B 32 -16.51 -4.29 10.43
N LYS B 33 -15.43 -4.99 10.78
CA LYS B 33 -14.67 -5.81 9.79
C LYS B 33 -15.60 -6.83 9.13
N ALA B 34 -16.33 -7.59 9.94
CA ALA B 34 -17.18 -8.73 9.51
C ALA B 34 -18.29 -8.22 8.59
N ILE B 35 -19.02 -7.20 9.05
CA ILE B 35 -20.26 -6.70 8.39
C ILE B 35 -19.93 -5.96 7.09
N THR B 36 -18.72 -5.43 6.95
CA THR B 36 -18.34 -4.56 5.81
C THR B 36 -17.53 -5.34 4.77
N TYR B 37 -17.23 -6.62 5.02
CA TYR B 37 -16.42 -7.46 4.09
C TYR B 37 -17.04 -7.41 2.69
N ASN B 38 -16.22 -7.00 1.70
CA ASN B 38 -16.59 -6.75 0.28
C ASN B 38 -17.91 -5.98 0.17
N GLN B 39 -18.09 -4.95 0.99
CA GLN B 39 -19.28 -4.07 0.97
C GLN B 39 -18.89 -2.68 0.47
N TRP B 40 -19.86 -1.96 -0.06
CA TRP B 40 -19.76 -0.52 -0.41
C TRP B 40 -20.05 0.30 0.85
N LEU B 41 -19.12 1.18 1.25
CA LEU B 41 -19.40 2.15 2.34
C LEU B 41 -19.72 3.52 1.72
N LEU B 42 -20.73 4.21 2.26
CA LEU B 42 -20.96 5.65 2.04
C LEU B 42 -20.44 6.38 3.28
N VAL B 43 -19.46 7.27 3.08
CA VAL B 43 -18.76 8.02 4.16
C VAL B 43 -18.60 9.47 3.70
N GLY B 44 -18.30 10.38 4.64
CA GLY B 44 -17.80 11.74 4.36
C GLY B 44 -16.31 11.72 4.03
N ARG B 45 -15.77 12.87 3.62
CA ARG B 45 -14.32 13.04 3.35
C ARG B 45 -13.51 12.81 4.64
N LYS B 46 -13.92 13.38 5.79
CA LYS B 46 -13.17 13.25 7.08
C LYS B 46 -13.04 11.77 7.46
N THR B 47 -14.15 11.02 7.42
CA THR B 47 -14.20 9.59 7.82
C THR B 47 -13.39 8.76 6.83
N PHE B 48 -13.43 9.09 5.53
CA PHE B 48 -12.62 8.38 4.50
C PHE B 48 -11.14 8.65 4.78
N GLU B 49 -10.76 9.91 5.05
CA GLU B 49 -9.35 10.35 5.26
C GLU B 49 -8.77 9.66 6.50
N SER B 50 -9.55 9.54 7.60
CA SER B 50 -9.14 8.93 8.89
C SER B 50 -8.98 7.40 8.75
N MET B 51 -9.92 6.75 8.05
CA MET B 51 -10.01 5.26 7.95
C MET B 51 -8.97 4.76 6.96
N GLY B 52 -8.82 5.46 5.82
CA GLY B 52 -8.01 5.01 4.68
C GLY B 52 -8.76 4.00 3.82
N ALA B 53 -8.28 3.76 2.61
CA ALA B 53 -8.85 2.74 1.70
C ALA B 53 -8.51 1.34 2.24
N LEU B 54 -9.29 0.84 3.21
CA LEU B 54 -8.99 -0.45 3.88
C LEU B 54 -9.19 -1.61 2.90
N PRO B 55 -8.51 -2.75 3.15
CA PRO B 55 -8.62 -3.91 2.28
C PRO B 55 -10.04 -4.50 2.27
N ASN B 56 -10.51 -4.94 1.10
CA ASN B 56 -11.80 -5.64 0.86
C ASN B 56 -12.99 -4.69 1.10
N ARG B 57 -12.78 -3.37 1.12
CA ARG B 57 -13.87 -2.38 1.17
C ARG B 57 -13.86 -1.54 -0.11
N LYS B 58 -15.03 -1.10 -0.53
CA LYS B 58 -15.27 -0.15 -1.61
C LYS B 58 -15.92 1.08 -0.99
N TYR B 59 -15.61 2.27 -1.49
CA TYR B 59 -15.96 3.56 -0.85
C TYR B 59 -16.72 4.45 -1.84
N ALA B 60 -17.84 5.02 -1.36
CA ALA B 60 -18.58 6.15 -1.97
C ALA B 60 -18.41 7.33 -1.03
N VAL B 61 -17.51 8.26 -1.38
CA VAL B 61 -17.18 9.46 -0.55
C VAL B 61 -17.99 10.64 -1.05
N VAL B 62 -18.91 11.17 -0.24
CA VAL B 62 -19.66 12.41 -0.61
C VAL B 62 -18.98 13.60 0.07
N THR B 63 -18.51 14.55 -0.74
CA THR B 63 -17.95 15.86 -0.32
C THR B 63 -18.20 16.90 -1.42
N ARG B 64 -18.54 18.12 -1.02
CA ARG B 64 -18.72 19.28 -1.93
C ARG B 64 -17.35 19.93 -2.16
N SER B 65 -16.36 19.62 -1.33
CA SER B 65 -14.94 20.02 -1.49
C SER B 65 -14.40 19.43 -2.80
N SER B 66 -13.20 19.80 -3.22
CA SER B 66 -12.57 19.30 -4.47
C SER B 66 -11.60 18.17 -4.14
N PHE B 67 -12.14 17.03 -3.70
CA PHE B 67 -11.39 15.79 -3.38
C PHE B 67 -11.36 14.91 -4.64
N THR B 68 -10.22 14.27 -4.90
CA THR B 68 -9.97 13.31 -6.02
C THR B 68 -9.31 12.06 -5.42
N SER B 69 -9.26 10.94 -6.16
CA SER B 69 -8.59 9.68 -5.71
C SER B 69 -8.00 8.89 -6.88
N ASP B 70 -6.85 8.25 -6.64
CA ASP B 70 -6.10 7.36 -7.57
C ASP B 70 -6.35 5.92 -7.11
N ASN B 71 -7.62 5.50 -7.06
CA ASN B 71 -8.06 4.19 -6.50
C ASN B 71 -9.42 3.79 -7.10
N GLU B 72 -9.49 2.58 -7.68
CA GLU B 72 -10.66 2.05 -8.43
C GLU B 72 -11.79 1.69 -7.45
N ASN B 73 -11.46 1.47 -6.17
CA ASN B 73 -12.42 1.11 -5.10
C ASN B 73 -13.01 2.38 -4.45
N VAL B 74 -12.73 3.56 -4.99
CA VAL B 74 -13.13 4.85 -4.37
C VAL B 74 -13.81 5.71 -5.42
N LEU B 75 -15.08 6.05 -5.19
CA LEU B 75 -15.89 6.94 -6.05
C LEU B 75 -16.22 8.20 -5.25
N ILE B 76 -16.03 9.38 -5.85
CA ILE B 76 -16.30 10.70 -5.22
C ILE B 76 -17.58 11.26 -5.82
N PHE B 77 -18.56 11.63 -4.98
CA PHE B 77 -19.84 12.23 -5.40
C PHE B 77 -20.03 13.55 -4.64
N PRO B 78 -20.54 14.61 -5.30
CA PRO B 78 -20.79 15.88 -4.62
C PRO B 78 -21.95 15.85 -3.62
N SER B 79 -22.84 14.85 -3.69
CA SER B 79 -24.00 14.73 -2.76
C SER B 79 -24.45 13.27 -2.55
N ILE B 80 -25.26 13.09 -1.51
CA ILE B 80 -25.88 11.79 -1.13
C ILE B 80 -26.76 11.34 -2.29
N LYS B 81 -27.53 12.26 -2.89
CA LYS B 81 -28.40 12.00 -4.07
C LYS B 81 -27.57 11.40 -5.20
N ASP B 82 -26.48 12.05 -5.58
CA ASP B 82 -25.61 11.61 -6.70
C ASP B 82 -25.03 10.23 -6.38
N ALA B 83 -24.63 10.02 -5.13
CA ALA B 83 -24.04 8.74 -4.66
C ALA B 83 -25.06 7.63 -4.91
N LEU B 84 -26.28 7.79 -4.41
CA LEU B 84 -27.30 6.72 -4.40
C LEU B 84 -27.74 6.38 -5.82
N THR B 85 -28.03 7.36 -6.69
CA THR B 85 -28.54 7.05 -8.07
C THR B 85 -27.43 6.32 -8.85
N ASN B 86 -26.14 6.59 -8.58
CA ASN B 86 -25.01 5.98 -9.33
C ASN B 86 -24.64 4.60 -8.75
N LEU B 87 -24.79 4.39 -7.44
CA LEU B 87 -24.53 3.08 -6.77
C LEU B 87 -25.66 2.10 -7.10
N LYS B 88 -26.88 2.59 -7.23
CA LYS B 88 -28.10 1.80 -7.55
C LYS B 88 -27.83 0.90 -8.78
N LYS B 89 -26.86 1.26 -9.62
CA LYS B 89 -26.54 0.56 -10.89
C LYS B 89 -25.33 -0.39 -10.73
N ILE B 90 -24.71 -0.42 -9.56
CA ILE B 90 -23.43 -1.15 -9.27
C ILE B 90 -23.64 -2.20 -8.17
N THR B 91 -24.58 -2.01 -7.24
CA THR B 91 -24.73 -2.86 -6.03
C THR B 91 -26.16 -2.83 -5.53
N ASP B 92 -26.59 -3.86 -4.79
CA ASP B 92 -27.92 -3.93 -4.11
C ASP B 92 -27.84 -3.34 -2.70
N HIS B 93 -26.67 -2.91 -2.23
CA HIS B 93 -26.40 -2.72 -0.78
C HIS B 93 -25.33 -1.66 -0.55
N VAL B 94 -25.63 -0.66 0.27
CA VAL B 94 -24.60 0.28 0.78
C VAL B 94 -24.74 0.33 2.29
N ILE B 95 -23.61 0.48 2.97
CA ILE B 95 -23.54 0.65 4.45
C ILE B 95 -23.04 2.07 4.70
N VAL B 96 -23.93 2.91 5.23
CA VAL B 96 -23.60 4.30 5.67
C VAL B 96 -22.69 4.17 6.87
N SER B 97 -21.41 4.54 6.75
CA SER B 97 -20.37 4.24 7.76
C SER B 97 -19.75 5.51 8.34
N GLY B 98 -20.40 6.67 8.18
CA GLY B 98 -20.17 7.81 9.08
C GLY B 98 -19.60 9.05 8.43
N GLY B 99 -19.32 10.01 9.32
CA GLY B 99 -19.82 11.39 9.29
C GLY B 99 -21.01 11.49 10.24
N GLY B 100 -20.85 12.19 11.37
CA GLY B 100 -21.96 12.71 12.17
C GLY B 100 -23.05 13.26 11.27
N GLU B 101 -22.68 14.07 10.27
CA GLU B 101 -23.65 14.73 9.34
C GLU B 101 -24.23 13.71 8.37
N ILE B 102 -23.40 12.81 7.84
CA ILE B 102 -23.84 11.72 6.92
C ILE B 102 -24.90 10.89 7.67
N TYR B 103 -24.61 10.47 8.90
CA TYR B 103 -25.58 9.69 9.71
C TYR B 103 -26.89 10.50 9.83
N LYS B 104 -26.79 11.79 10.14
CA LYS B 104 -27.95 12.70 10.39
C LYS B 104 -28.82 12.78 9.12
N SER B 105 -28.18 12.95 7.96
CA SER B 105 -28.82 13.11 6.63
C SER B 105 -29.55 11.84 6.17
N LEU B 106 -29.08 10.65 6.58
CA LEU B 106 -29.47 9.37 5.96
C LEU B 106 -30.29 8.51 6.92
N ILE B 107 -30.18 8.69 8.23
CA ILE B 107 -30.68 7.68 9.21
C ILE B 107 -32.15 7.38 8.90
N ASP B 108 -32.91 8.37 8.41
CA ASP B 108 -34.37 8.26 8.18
C ASP B 108 -34.63 7.33 6.98
N GLN B 109 -33.76 7.33 5.97
CA GLN B 109 -33.90 6.57 4.69
C GLN B 109 -33.41 5.11 4.79
N VAL B 110 -32.61 4.75 5.80
CA VAL B 110 -31.92 3.43 5.85
C VAL B 110 -32.87 2.34 6.39
N ASP B 111 -32.56 1.08 6.11
CA ASP B 111 -33.44 -0.09 6.43
C ASP B 111 -32.93 -0.77 7.70
N THR B 112 -31.61 -0.77 7.93
CA THR B 112 -30.97 -1.56 9.01
C THR B 112 -29.90 -0.72 9.71
N LEU B 113 -29.88 -0.81 11.04
CA LEU B 113 -28.89 -0.18 11.96
C LEU B 113 -28.03 -1.28 12.60
N HIS B 114 -26.70 -1.10 12.53
CA HIS B 114 -25.70 -1.85 13.35
C HIS B 114 -25.10 -0.91 14.39
N ILE B 115 -25.40 -1.08 15.68
CA ILE B 115 -24.95 -0.12 16.73
C ILE B 115 -24.09 -0.87 17.77
N SER B 116 -22.82 -0.50 17.85
CA SER B 116 -21.93 -0.89 18.97
C SER B 116 -22.01 0.21 20.03
N THR B 117 -22.55 -0.13 21.20
CA THR B 117 -22.61 0.77 22.38
C THR B 117 -21.48 0.33 23.33
N ILE B 118 -20.49 1.20 23.51
CA ILE B 118 -19.37 1.03 24.49
C ILE B 118 -19.80 1.60 25.86
N ASP B 119 -19.72 0.77 26.90
CA ASP B 119 -20.23 1.04 28.28
C ASP B 119 -19.34 2.10 28.97
N ILE B 120 -19.41 3.36 28.53
CA ILE B 120 -18.65 4.53 29.05
C ILE B 120 -19.45 5.80 28.70
N GLU B 121 -19.28 6.89 29.45
CA GLU B 121 -19.99 8.17 29.22
C GLU B 121 -18.96 9.29 29.16
N PRO B 122 -18.13 9.35 28.09
CA PRO B 122 -17.05 10.32 28.02
C PRO B 122 -17.51 11.66 27.44
N GLU B 123 -16.61 12.64 27.40
CA GLU B 123 -16.81 13.95 26.75
C GLU B 123 -16.71 13.72 25.23
N GLY B 124 -17.25 14.64 24.44
CA GLY B 124 -17.30 14.56 22.96
C GLY B 124 -18.19 15.64 22.39
N ASP B 125 -17.98 16.01 21.13
CA ASP B 125 -18.60 17.17 20.46
C ASP B 125 -19.46 16.70 19.27
N VAL B 126 -19.21 15.50 18.74
CA VAL B 126 -20.04 14.88 17.66
C VAL B 126 -20.88 13.75 18.24
N TYR B 127 -22.20 13.93 18.22
CA TYR B 127 -23.19 12.95 18.73
C TYR B 127 -23.90 12.30 17.55
N PHE B 128 -24.29 11.04 17.75
CA PHE B 128 -25.14 10.23 16.84
C PHE B 128 -26.58 10.66 17.00
N PRO B 129 -27.36 10.81 15.90
CA PRO B 129 -28.75 11.26 16.02
C PRO B 129 -29.55 10.31 16.93
N GLU B 130 -30.64 10.81 17.53
CA GLU B 130 -31.71 9.96 18.10
C GLU B 130 -32.03 8.90 17.04
N ILE B 131 -32.31 7.68 17.48
CA ILE B 131 -32.79 6.60 16.57
C ILE B 131 -34.28 6.85 16.34
N PRO B 132 -34.74 7.05 15.07
CA PRO B 132 -36.15 7.29 14.79
C PRO B 132 -37.02 6.15 15.33
N SER B 133 -38.23 6.45 15.78
CA SER B 133 -39.03 5.54 16.65
C SER B 133 -39.77 4.48 15.81
N ASN B 134 -39.53 4.38 14.49
CA ASN B 134 -40.04 3.26 13.65
C ASN B 134 -38.93 2.20 13.40
N PHE B 135 -37.75 2.37 14.00
CA PHE B 135 -36.74 1.29 14.14
C PHE B 135 -37.01 0.51 15.43
N ARG B 136 -36.94 -0.83 15.38
CA ARG B 136 -37.02 -1.73 16.57
C ARG B 136 -35.76 -2.60 16.62
N PRO B 137 -35.24 -2.94 17.82
CA PRO B 137 -34.13 -3.89 17.94
C PRO B 137 -34.57 -5.34 17.70
N VAL B 138 -33.86 -6.08 16.83
CA VAL B 138 -34.22 -7.49 16.45
C VAL B 138 -33.15 -8.47 16.96
N PHE B 139 -31.96 -7.98 17.28
CA PHE B 139 -30.83 -8.79 17.83
C PHE B 139 -29.95 -7.92 18.74
N THR B 140 -29.55 -8.47 19.90
CA THR B 140 -28.69 -7.81 20.93
C THR B 140 -27.71 -8.83 21.51
N GLN B 141 -26.42 -8.48 21.60
CA GLN B 141 -25.42 -9.36 22.28
C GLN B 141 -24.44 -8.49 23.08
N ASP B 142 -24.16 -8.93 24.31
CA ASP B 142 -23.22 -8.29 25.26
C ASP B 142 -21.82 -8.88 25.13
N PHE B 143 -20.82 -8.01 25.21
CA PHE B 143 -19.39 -8.37 25.21
C PHE B 143 -18.73 -7.80 26.47
N ALA B 144 -18.09 -8.65 27.27
CA ALA B 144 -17.07 -8.25 28.27
C ALA B 144 -15.74 -8.01 27.52
N SER B 145 -15.05 -6.92 27.86
CA SER B 145 -13.75 -6.51 27.26
C SER B 145 -13.06 -5.51 28.20
N ASN B 146 -11.96 -4.87 27.77
CA ASN B 146 -11.26 -3.84 28.58
C ASN B 146 -12.30 -2.81 29.02
N ILE B 147 -13.18 -2.41 28.10
CA ILE B 147 -14.49 -1.75 28.38
C ILE B 147 -15.60 -2.61 27.76
N ASN B 148 -16.68 -2.86 28.51
CA ASN B 148 -17.79 -3.72 28.04
C ASN B 148 -18.44 -3.05 26.82
N TYR B 149 -19.07 -3.83 25.95
CA TYR B 149 -19.79 -3.28 24.77
C TYR B 149 -20.95 -4.20 24.44
N SER B 150 -22.00 -3.60 23.91
CA SER B 150 -23.23 -4.26 23.40
C SER B 150 -23.28 -4.05 21.89
N TYR B 151 -23.67 -5.08 21.13
CA TYR B 151 -23.97 -5.02 19.68
C TYR B 151 -25.48 -5.13 19.50
N GLN B 152 -26.09 -4.25 18.71
CA GLN B 152 -27.55 -4.28 18.52
C GLN B 152 -27.87 -3.96 17.05
N ILE B 153 -28.68 -4.81 16.43
CA ILE B 153 -29.18 -4.64 15.04
C ILE B 153 -30.63 -4.20 15.16
N TRP B 154 -30.97 -3.09 14.49
CA TRP B 154 -32.33 -2.52 14.42
C TRP B 154 -32.87 -2.69 12.99
N GLN B 155 -34.18 -2.91 12.84
CA GLN B 155 -34.87 -2.93 11.53
C GLN B 155 -35.99 -1.86 11.51
N LYS B 156 -36.12 -1.16 10.39
CA LYS B 156 -37.24 -0.21 10.10
C LYS B 156 -38.54 -0.99 9.88
N GLY B 157 -39.64 -0.57 10.52
CA GLY B 157 -41.01 -1.08 10.27
C GLY B 157 -42.04 0.05 10.11
N LEU B 158 -43.33 -0.25 10.33
CA LEU B 158 -44.48 0.70 10.38
C LEU B 158 -45.08 0.73 11.79
N MET C 1 -29.76 -17.81 31.46
CA MET C 1 -28.69 -17.99 30.46
C MET C 1 -29.33 -18.11 29.08
N LYS C 2 -28.88 -17.31 28.11
CA LYS C 2 -29.31 -17.41 26.68
C LYS C 2 -28.39 -18.43 25.99
N LEU C 3 -28.94 -19.20 25.06
CA LEU C 3 -28.16 -20.11 24.16
C LEU C 3 -28.22 -19.59 22.74
N SER C 4 -27.08 -19.25 22.15
CA SER C 4 -26.99 -18.95 20.71
C SER C 4 -26.38 -20.18 20.04
N LEU C 5 -26.47 -20.24 18.72
CA LEU C 5 -25.89 -21.32 17.88
C LEU C 5 -25.31 -20.66 16.63
N MET C 6 -24.08 -20.99 16.30
CA MET C 6 -23.40 -20.41 15.14
C MET C 6 -22.90 -21.55 14.27
N VAL C 7 -23.13 -21.45 12.96
CA VAL C 7 -22.71 -22.48 11.99
C VAL C 7 -22.46 -21.84 10.62
N ALA C 8 -21.52 -22.42 9.89
CA ALA C 8 -21.40 -22.29 8.43
C ALA C 8 -21.86 -23.60 7.79
N ILE C 9 -22.76 -23.49 6.80
CA ILE C 9 -23.29 -24.61 5.98
C ILE C 9 -23.21 -24.24 4.50
N SER C 10 -23.23 -25.27 3.65
CA SER C 10 -23.51 -25.18 2.20
C SER C 10 -25.02 -24.95 1.99
N LYS C 11 -25.41 -24.73 0.74
CA LYS C 11 -26.80 -24.42 0.33
C LYS C 11 -27.70 -25.60 0.68
N ASN C 12 -27.15 -26.83 0.65
CA ASN C 12 -27.90 -28.11 0.87
C ASN C 12 -27.62 -28.67 2.27
N GLY C 13 -26.97 -27.89 3.14
CA GLY C 13 -26.97 -28.14 4.61
C GLY C 13 -25.76 -28.92 5.10
N VAL C 14 -24.75 -29.10 4.26
CA VAL C 14 -23.45 -29.73 4.66
C VAL C 14 -22.71 -28.74 5.55
N ILE C 15 -22.27 -29.18 6.72
CA ILE C 15 -21.53 -28.33 7.70
C ILE C 15 -20.14 -28.05 7.13
N GLY C 16 -19.74 -26.78 7.13
CA GLY C 16 -18.43 -26.32 6.60
C GLY C 16 -17.63 -25.50 7.59
N ASN C 17 -17.77 -25.78 8.89
CA ASN C 17 -16.95 -25.20 9.99
C ASN C 17 -15.47 -25.58 9.82
N GLY C 18 -15.20 -26.82 9.40
CA GLY C 18 -13.92 -27.55 9.52
C GLY C 18 -12.74 -26.87 8.81
N PRO C 19 -11.48 -27.20 9.21
CA PRO C 19 -10.31 -26.42 8.80
C PRO C 19 -9.84 -26.70 7.36
N ASP C 20 -10.02 -27.94 6.89
CA ASP C 20 -9.72 -28.35 5.50
C ASP C 20 -11.03 -28.68 4.78
N ILE C 21 -11.99 -27.74 4.80
CA ILE C 21 -13.17 -27.75 3.90
C ILE C 21 -12.76 -26.90 2.69
N PRO C 22 -12.71 -27.49 1.47
CA PRO C 22 -12.23 -26.77 0.30
C PRO C 22 -13.20 -25.71 -0.25
N TRP C 23 -14.47 -25.72 0.18
CA TRP C 23 -15.50 -24.76 -0.30
C TRP C 23 -15.69 -23.62 0.72
N SER C 24 -14.69 -23.30 1.55
CA SER C 24 -14.75 -22.15 2.49
C SER C 24 -14.70 -20.84 1.71
N ALA C 25 -15.39 -19.80 2.19
CA ALA C 25 -15.54 -18.48 1.52
C ALA C 25 -14.69 -17.46 2.27
N LYS C 26 -13.72 -16.82 1.59
CA LYS C 26 -12.96 -15.68 2.16
C LYS C 26 -13.97 -14.73 2.79
N GLY C 27 -13.72 -14.30 4.03
CA GLY C 27 -14.55 -13.30 4.73
C GLY C 27 -15.52 -13.91 5.73
N GLU C 28 -16.12 -15.05 5.42
CA GLU C 28 -17.20 -15.62 6.27
C GLU C 28 -16.68 -15.79 7.70
N GLN C 29 -15.45 -16.28 7.90
CA GLN C 29 -14.91 -16.61 9.24
C GLN C 29 -14.83 -15.35 10.11
N LEU C 30 -14.77 -14.17 9.51
CA LEU C 30 -14.80 -12.88 10.25
C LEU C 30 -16.05 -12.84 11.14
N LEU C 31 -17.21 -13.27 10.62
CA LEU C 31 -18.50 -13.27 11.35
C LEU C 31 -18.33 -14.09 12.64
N PHE C 32 -17.86 -15.33 12.50
CA PHE C 32 -17.53 -16.24 13.62
C PHE C 32 -16.62 -15.56 14.66
N LYS C 33 -15.54 -14.90 14.22
CA LYS C 33 -14.58 -14.20 15.12
C LYS C 33 -15.28 -13.09 15.90
N ALA C 34 -16.08 -12.28 15.22
CA ALA C 34 -16.75 -11.08 15.80
C ALA C 34 -17.75 -11.51 16.87
N ILE C 35 -18.61 -12.49 16.56
CA ILE C 35 -19.74 -12.89 17.44
C ILE C 35 -19.20 -13.67 18.63
N THR C 36 -18.08 -14.40 18.48
CA THR C 36 -17.57 -15.29 19.56
C THR C 36 -16.53 -14.59 20.44
N TYR C 37 -16.18 -13.34 20.17
CA TYR C 37 -15.14 -12.63 20.94
C TYR C 37 -15.52 -12.56 22.43
N ASN C 38 -14.63 -13.07 23.29
CA ASN C 38 -14.75 -13.18 24.78
C ASN C 38 -16.08 -13.86 25.13
N GLN C 39 -16.50 -14.87 24.36
CA GLN C 39 -17.75 -15.63 24.63
C GLN C 39 -17.37 -17.05 25.03
N TRP C 40 -18.27 -17.71 25.78
CA TRP C 40 -18.24 -19.18 26.04
C TRP C 40 -18.75 -19.90 24.79
N LEU C 41 -17.99 -20.84 24.23
CA LEU C 41 -18.48 -21.72 23.13
C LEU C 41 -18.69 -23.14 23.67
N LEU C 42 -19.85 -23.73 23.38
CA LEU C 42 -20.12 -25.16 23.67
C LEU C 42 -19.82 -25.97 22.40
N VAL C 43 -18.90 -26.93 22.49
CA VAL C 43 -18.42 -27.73 21.33
C VAL C 43 -18.21 -29.18 21.75
N GLY C 44 -18.00 -30.05 20.75
CA GLY C 44 -17.59 -31.45 20.92
C GLY C 44 -16.08 -31.57 20.85
N ARG C 45 -15.56 -32.78 21.12
CA ARG C 45 -14.11 -33.11 21.08
C ARG C 45 -13.52 -32.68 19.74
N LYS C 46 -14.05 -33.21 18.63
CA LYS C 46 -13.51 -32.99 17.26
C LYS C 46 -13.39 -31.49 16.98
N THR C 47 -14.46 -30.72 17.23
CA THR C 47 -14.48 -29.25 16.99
C THR C 47 -13.40 -28.58 17.84
N PHE C 48 -13.28 -28.94 19.12
CA PHE C 48 -12.27 -28.34 20.03
C PHE C 48 -10.86 -28.66 19.53
N GLU C 49 -10.61 -29.88 19.06
CA GLU C 49 -9.28 -30.34 18.55
C GLU C 49 -8.90 -29.52 17.30
N SER C 50 -9.80 -29.41 16.31
CA SER C 50 -9.61 -28.66 15.03
C SER C 50 -9.40 -27.16 15.30
N MET C 51 -10.38 -26.53 15.96
CA MET C 51 -10.38 -25.08 16.31
C MET C 51 -9.16 -24.77 17.19
N GLY C 52 -8.87 -25.63 18.16
CA GLY C 52 -7.90 -25.34 19.24
C GLY C 52 -8.42 -24.18 20.09
N ALA C 53 -7.70 -23.82 21.14
CA ALA C 53 -8.10 -22.73 22.06
C ALA C 53 -7.69 -21.39 21.43
N LEU C 54 -8.39 -20.98 20.36
CA LEU C 54 -8.31 -19.59 19.82
C LEU C 54 -8.22 -18.70 21.05
N PRO C 55 -7.36 -17.67 21.05
CA PRO C 55 -7.28 -16.78 22.20
C PRO C 55 -8.59 -15.98 22.33
N ASN C 56 -8.90 -15.47 23.53
CA ASN C 56 -10.06 -14.59 23.79
C ASN C 56 -11.38 -15.36 23.57
N ARG C 57 -11.36 -16.67 23.79
CA ARG C 57 -12.59 -17.49 23.91
C ARG C 57 -12.47 -18.46 25.07
N LYS C 58 -13.61 -18.80 25.65
CA LYS C 58 -13.76 -19.83 26.68
C LYS C 58 -14.53 -20.99 26.04
N TYR C 59 -14.14 -22.23 26.35
CA TYR C 59 -14.67 -23.47 25.74
C TYR C 59 -15.26 -24.38 26.81
N ALA C 60 -16.49 -24.82 26.58
CA ALA C 60 -17.15 -25.94 27.27
C ALA C 60 -17.19 -27.09 26.27
N VAL C 61 -16.26 -28.04 26.40
CA VAL C 61 -16.14 -29.26 25.53
C VAL C 61 -16.95 -30.39 26.15
N VAL C 62 -17.95 -30.92 25.45
CA VAL C 62 -18.72 -32.08 25.98
C VAL C 62 -18.24 -33.33 25.24
N THR C 63 -17.88 -34.36 26.01
CA THR C 63 -17.30 -35.64 25.51
C THR C 63 -17.31 -36.68 26.63
N ARG C 64 -17.70 -37.91 26.28
CA ARG C 64 -17.56 -39.14 27.12
C ARG C 64 -16.26 -39.84 26.68
N SER C 65 -15.12 -39.16 26.81
CA SER C 65 -13.84 -39.67 26.29
C SER C 65 -12.65 -39.14 27.11
N SER C 66 -12.90 -38.70 28.35
CA SER C 66 -11.87 -38.31 29.35
C SER C 66 -10.71 -37.57 28.65
N PHE C 67 -10.98 -36.33 28.23
CA PHE C 67 -10.16 -35.51 27.31
C PHE C 67 -8.92 -34.97 28.05
N ASN C 73 -8.49 -22.21 29.93
CA ASN C 73 -9.73 -21.53 29.43
C ASN C 73 -10.74 -22.57 28.93
N VAL C 74 -10.54 -23.85 29.28
CA VAL C 74 -11.39 -24.99 28.83
C VAL C 74 -11.94 -25.70 30.08
N LEU C 75 -13.22 -26.04 30.04
CA LEU C 75 -13.91 -26.94 31.01
C LEU C 75 -14.43 -28.14 30.21
N ILE C 76 -14.31 -29.36 30.74
CA ILE C 76 -14.79 -30.62 30.08
C ILE C 76 -16.04 -31.10 30.84
N PHE C 77 -17.11 -31.48 30.15
CA PHE C 77 -18.33 -32.03 30.78
C PHE C 77 -18.70 -33.34 30.08
N PRO C 78 -19.23 -34.33 30.82
CA PRO C 78 -19.54 -35.63 30.24
C PRO C 78 -20.81 -35.61 29.38
N SER C 79 -21.59 -34.53 29.48
CA SER C 79 -22.92 -34.40 28.83
C SER C 79 -23.27 -32.93 28.60
N ILE C 80 -24.16 -32.70 27.63
CA ILE C 80 -24.77 -31.38 27.36
C ILE C 80 -25.52 -30.90 28.61
N LYS C 81 -26.33 -31.75 29.23
CA LYS C 81 -27.09 -31.41 30.46
C LYS C 81 -26.12 -30.94 31.56
N ASP C 82 -25.03 -31.65 31.80
CA ASP C 82 -24.05 -31.27 32.86
C ASP C 82 -23.44 -29.92 32.50
N ALA C 83 -23.10 -29.72 31.22
CA ALA C 83 -22.45 -28.49 30.72
C ALA C 83 -23.37 -27.29 31.01
N LEU C 84 -24.65 -27.37 30.62
CA LEU C 84 -25.59 -26.22 30.77
C LEU C 84 -25.76 -25.89 32.26
N THR C 85 -25.93 -26.87 33.15
CA THR C 85 -26.25 -26.56 34.56
C THR C 85 -25.02 -25.97 35.26
N ASN C 86 -23.79 -26.33 34.86
CA ASN C 86 -22.57 -25.67 35.41
C ASN C 86 -22.37 -24.30 34.76
N LEU C 87 -22.62 -24.15 33.45
CA LEU C 87 -22.37 -22.87 32.73
C LEU C 87 -23.31 -21.76 33.23
N LYS C 88 -24.52 -22.11 33.66
CA LYS C 88 -25.55 -21.20 34.22
C LYS C 88 -25.00 -20.39 35.40
N LYS C 89 -23.99 -20.92 36.11
CA LYS C 89 -23.44 -20.32 37.34
C LYS C 89 -22.24 -19.44 37.00
N ILE C 90 -21.83 -19.43 35.73
CA ILE C 90 -20.55 -18.80 35.25
C ILE C 90 -20.89 -17.63 34.32
N THR C 91 -21.83 -17.84 33.40
CA THR C 91 -22.11 -16.91 32.27
C THR C 91 -23.63 -16.84 32.05
N ASP C 92 -24.09 -15.77 31.42
CA ASP C 92 -25.50 -15.54 31.02
C ASP C 92 -25.68 -15.87 29.54
N HIS C 93 -24.60 -16.17 28.81
CA HIS C 93 -24.63 -16.48 27.35
C HIS C 93 -23.60 -17.57 26.98
N VAL C 94 -24.06 -18.58 26.23
CA VAL C 94 -23.22 -19.66 25.61
C VAL C 94 -23.55 -19.73 24.11
N ILE C 95 -22.55 -19.86 23.26
CA ILE C 95 -22.73 -20.08 21.78
C ILE C 95 -22.37 -21.53 21.42
N VAL C 96 -23.36 -22.33 20.97
CA VAL C 96 -23.17 -23.73 20.45
C VAL C 96 -22.43 -23.62 19.13
N SER C 97 -21.19 -24.10 19.07
CA SER C 97 -20.25 -23.80 17.95
C SER C 97 -19.85 -25.09 17.22
N GLY C 98 -20.50 -26.20 17.54
CA GLY C 98 -20.65 -27.33 16.61
C GLY C 98 -19.94 -28.60 17.04
N GLY C 99 -19.76 -29.45 16.02
CA GLY C 99 -20.19 -30.84 15.97
C GLY C 99 -21.59 -30.93 15.40
N GLY C 100 -21.78 -31.76 14.39
CA GLY C 100 -23.10 -32.22 13.93
C GLY C 100 -23.98 -32.66 15.09
N GLU C 101 -23.48 -33.53 15.97
CA GLU C 101 -24.33 -34.15 17.04
C GLU C 101 -24.66 -33.10 18.10
N ILE C 102 -23.71 -32.21 18.39
CA ILE C 102 -23.86 -31.06 19.31
C ILE C 102 -24.99 -30.15 18.83
N TYR C 103 -24.98 -29.74 17.56
CA TYR C 103 -26.08 -29.01 16.88
C TYR C 103 -27.37 -29.84 16.95
N LYS C 104 -27.30 -31.12 16.61
CA LYS C 104 -28.48 -32.03 16.60
C LYS C 104 -29.11 -32.03 18.01
N SER C 105 -28.31 -32.06 19.07
CA SER C 105 -28.81 -32.25 20.46
C SER C 105 -29.34 -30.97 21.07
N LEU C 106 -29.00 -29.79 20.52
CA LEU C 106 -29.25 -28.51 21.25
C LEU C 106 -30.16 -27.57 20.47
N ILE C 107 -30.37 -27.75 19.17
CA ILE C 107 -31.06 -26.73 18.32
C ILE C 107 -32.47 -26.46 18.84
N ASP C 108 -33.12 -27.45 19.45
CA ASP C 108 -34.52 -27.33 19.94
C ASP C 108 -34.58 -26.59 21.28
N GLN C 109 -33.43 -26.22 21.88
CA GLN C 109 -33.36 -25.44 23.15
C GLN C 109 -32.86 -24.00 22.91
N VAL C 110 -32.18 -23.72 21.79
CA VAL C 110 -31.41 -22.44 21.65
C VAL C 110 -32.38 -21.31 21.34
N ASP C 111 -31.95 -20.07 21.58
CA ASP C 111 -32.74 -18.83 21.44
C ASP C 111 -32.40 -18.13 20.12
N THR C 112 -31.15 -18.21 19.67
CA THR C 112 -30.68 -17.42 18.50
C THR C 112 -29.82 -18.31 17.60
N LEU C 113 -30.05 -18.24 16.28
CA LEU C 113 -29.27 -18.97 15.25
C LEU C 113 -28.44 -17.96 14.46
N HIS C 114 -27.12 -18.19 14.35
CA HIS C 114 -26.24 -17.45 13.41
C HIS C 114 -25.86 -18.43 12.30
N ILE C 115 -26.39 -18.23 11.09
CA ILE C 115 -26.17 -19.18 9.97
C ILE C 115 -25.51 -18.43 8.81
N SER C 116 -24.36 -18.94 8.38
CA SER C 116 -23.64 -18.59 7.14
C SER C 116 -23.93 -19.67 6.11
N THR C 117 -24.56 -19.29 5.01
CA THR C 117 -24.84 -20.19 3.88
C THR C 117 -23.85 -19.86 2.78
N ILE C 118 -23.01 -20.83 2.43
CA ILE C 118 -22.04 -20.73 1.31
C ILE C 118 -22.76 -21.19 0.04
N ASP C 119 -22.55 -20.47 -1.07
CA ASP C 119 -23.32 -20.65 -2.33
C ASP C 119 -22.65 -21.75 -3.17
N ILE C 120 -22.83 -22.99 -2.72
CA ILE C 120 -22.29 -24.22 -3.38
C ILE C 120 -23.07 -25.41 -2.82
N GLU C 121 -23.15 -26.51 -3.57
CA GLU C 121 -23.91 -27.74 -3.20
C GLU C 121 -22.98 -28.94 -3.29
N PRO C 122 -22.02 -29.09 -2.36
CA PRO C 122 -21.06 -30.19 -2.37
C PRO C 122 -21.63 -31.43 -1.68
N GLU C 123 -20.82 -32.49 -1.62
CA GLU C 123 -21.19 -33.78 -0.97
C GLU C 123 -20.51 -33.84 0.41
N GLY C 124 -21.26 -34.20 1.44
CA GLY C 124 -20.75 -34.46 2.79
C GLY C 124 -21.62 -35.47 3.51
N ASP C 125 -21.14 -36.02 4.64
CA ASP C 125 -21.86 -37.00 5.49
C ASP C 125 -22.56 -36.29 6.65
N VAL C 126 -22.01 -35.15 7.09
CA VAL C 126 -22.50 -34.41 8.28
C VAL C 126 -23.30 -33.19 7.79
N TYR C 127 -24.61 -33.26 7.94
CA TYR C 127 -25.55 -32.18 7.57
C TYR C 127 -25.98 -31.49 8.86
N PHE C 128 -26.29 -30.19 8.76
CA PHE C 128 -26.94 -29.41 9.83
C PHE C 128 -28.36 -29.96 9.93
N PRO C 129 -29.00 -29.92 11.13
CA PRO C 129 -30.39 -30.32 11.27
C PRO C 129 -31.38 -29.31 10.65
N GLU C 130 -32.59 -29.80 10.37
CA GLU C 130 -33.76 -28.98 9.94
C GLU C 130 -33.98 -27.91 11.03
N ILE C 131 -34.29 -26.68 10.61
CA ILE C 131 -34.51 -25.52 11.53
C ILE C 131 -35.86 -25.69 12.22
N PRO C 132 -35.91 -25.83 13.57
CA PRO C 132 -37.18 -25.88 14.29
C PRO C 132 -38.19 -24.86 13.72
N SER C 133 -39.42 -25.32 13.49
CA SER C 133 -40.45 -24.63 12.65
C SER C 133 -40.92 -23.32 13.31
N ASN C 134 -40.49 -23.03 14.54
CA ASN C 134 -40.85 -21.79 15.29
C ASN C 134 -39.90 -20.60 14.94
N PHE C 135 -38.70 -20.84 14.41
CA PHE C 135 -37.64 -19.82 14.16
C PHE C 135 -37.92 -19.05 12.86
N ARG C 136 -37.58 -17.75 12.86
CA ARG C 136 -37.65 -16.87 11.67
C ARG C 136 -36.37 -16.05 11.55
N PRO C 137 -35.91 -15.78 10.31
CA PRO C 137 -34.80 -14.85 10.08
C PRO C 137 -35.24 -13.39 10.31
N VAL C 138 -34.48 -12.67 11.14
CA VAL C 138 -34.76 -11.26 11.53
C VAL C 138 -33.75 -10.31 10.89
N PHE C 139 -32.69 -10.85 10.28
CA PHE C 139 -31.59 -10.09 9.61
C PHE C 139 -30.92 -11.00 8.57
N THR C 140 -30.70 -10.43 7.38
CA THR C 140 -30.05 -11.10 6.23
C THR C 140 -29.05 -10.16 5.58
N GLN C 141 -27.85 -10.63 5.30
CA GLN C 141 -26.87 -9.87 4.50
C GLN C 141 -26.15 -10.85 3.57
N ASP C 142 -26.09 -10.47 2.27
CA ASP C 142 -25.33 -11.18 1.21
C ASP C 142 -23.93 -10.57 1.09
N PHE C 143 -22.97 -11.42 0.78
CA PHE C 143 -21.55 -11.06 0.57
C PHE C 143 -21.06 -11.73 -0.72
N ALA C 144 -20.48 -10.96 -1.62
CA ALA C 144 -19.68 -11.47 -2.75
C ALA C 144 -18.27 -11.85 -2.26
N SER C 145 -17.78 -13.00 -2.72
CA SER C 145 -16.43 -13.51 -2.38
C SER C 145 -16.02 -14.55 -3.44
N ASN C 146 -14.95 -15.33 -3.19
CA ASN C 146 -14.48 -16.39 -4.12
C ASN C 146 -15.62 -17.41 -4.29
N ILE C 147 -16.36 -17.65 -3.20
CA ILE C 147 -17.70 -18.31 -3.23
C ILE C 147 -18.64 -17.42 -2.40
N ASN C 148 -19.76 -17.00 -2.98
CA ASN C 148 -20.71 -16.06 -2.36
C ASN C 148 -21.27 -16.72 -1.10
N TYR C 149 -21.71 -15.89 -0.17
CA TYR C 149 -22.25 -16.36 1.13
C TYR C 149 -23.26 -15.34 1.63
N SER C 150 -24.26 -15.85 2.32
CA SER C 150 -25.34 -15.10 3.00
C SER C 150 -25.27 -15.34 4.52
N TYR C 151 -25.52 -14.32 5.31
CA TYR C 151 -25.52 -14.42 6.79
C TYR C 151 -26.93 -14.10 7.26
N GLN C 152 -27.51 -14.97 8.11
CA GLN C 152 -28.87 -14.78 8.68
C GLN C 152 -28.87 -15.02 10.20
N ILE C 153 -29.46 -14.11 10.98
CA ILE C 153 -29.74 -14.36 12.43
C ILE C 153 -31.22 -14.73 12.54
N TRP C 154 -31.50 -15.89 13.14
CA TRP C 154 -32.87 -16.39 13.39
C TRP C 154 -33.18 -16.19 14.87
N GLN C 155 -34.43 -15.85 15.17
CA GLN C 155 -34.99 -15.72 16.54
C GLN C 155 -36.28 -16.56 16.60
N LYS C 156 -36.77 -16.84 17.80
CA LYS C 156 -38.07 -17.53 18.02
C LYS C 156 -39.18 -16.59 17.54
N GLY C 157 -40.06 -17.07 16.66
CA GLY C 157 -41.14 -16.27 16.08
C GLY C 157 -41.91 -15.53 17.17
N LEU C 158 -42.36 -16.26 18.19
CA LEU C 158 -43.12 -15.71 19.34
C LEU C 158 -42.30 -14.61 20.01
N GLU C 159 -41.10 -14.94 20.48
CA GLU C 159 -40.16 -14.00 21.14
C GLU C 159 -40.04 -12.73 20.29
N HIS C 160 -39.72 -12.88 19.00
CA HIS C 160 -39.51 -11.77 18.02
C HIS C 160 -40.67 -10.73 18.09
N HIS C 161 -41.91 -11.21 18.21
CA HIS C 161 -43.15 -10.40 18.42
C HIS C 161 -43.40 -10.28 19.92
N MET D 1 25.81 23.09 -26.08
CA MET D 1 24.43 23.01 -26.66
C MET D 1 23.46 22.61 -25.54
N LYS D 2 22.51 23.48 -25.22
CA LYS D 2 21.44 23.17 -24.24
C LYS D 2 20.44 22.20 -24.91
N LEU D 3 20.01 21.17 -24.19
CA LEU D 3 18.88 20.29 -24.61
C LEU D 3 17.67 20.59 -23.73
N SER D 4 16.55 20.94 -24.38
CA SER D 4 15.21 21.09 -23.75
C SER D 4 14.35 19.94 -24.25
N LEU D 5 13.28 19.65 -23.53
CA LEU D 5 12.31 18.60 -23.91
C LEU D 5 10.91 19.16 -23.68
N MET D 6 10.04 19.00 -24.67
CA MET D 6 8.68 19.53 -24.60
C MET D 6 7.67 18.41 -24.88
N VAL D 7 6.66 18.28 -24.00
CA VAL D 7 5.59 17.26 -24.16
C VAL D 7 4.28 17.70 -23.51
N ALA D 8 3.20 17.15 -24.06
CA ALA D 8 1.82 17.17 -23.58
C ALA D 8 1.48 15.75 -23.14
N ILE D 9 1.09 15.57 -21.88
CA ILE D 9 0.71 14.25 -21.28
C ILE D 9 -0.64 14.37 -20.57
N SER D 10 -1.37 13.26 -20.50
CA SER D 10 -2.48 13.07 -19.53
C SER D 10 -1.90 13.01 -18.10
N LYS D 11 -2.78 12.95 -17.10
CA LYS D 11 -2.44 12.94 -15.66
C LYS D 11 -1.85 11.58 -15.26
N ASN D 12 -2.08 10.54 -16.08
CA ASN D 12 -1.58 9.16 -15.88
C ASN D 12 -0.36 8.92 -16.80
N GLY D 13 0.09 9.95 -17.54
CA GLY D 13 1.37 9.95 -18.27
C GLY D 13 1.23 9.49 -19.71
N VAL D 14 0.02 9.25 -20.21
CA VAL D 14 -0.27 8.94 -21.64
C VAL D 14 0.16 10.15 -22.50
N ILE D 15 0.87 9.92 -23.61
CA ILE D 15 1.42 11.02 -24.45
C ILE D 15 0.32 11.49 -25.41
N GLY D 16 0.07 12.81 -25.43
CA GLY D 16 -1.08 13.44 -26.10
C GLY D 16 -0.67 14.54 -27.06
N ASN D 17 0.50 14.43 -27.71
CA ASN D 17 0.98 15.38 -28.73
C ASN D 17 0.17 15.26 -30.04
N GLY D 18 -0.38 14.07 -30.31
CA GLY D 18 -0.77 13.58 -31.65
C GLY D 18 -1.85 14.44 -32.34
N PRO D 19 -2.10 14.20 -33.64
CA PRO D 19 -2.99 15.07 -34.43
C PRO D 19 -4.48 14.88 -34.10
N ASP D 20 -4.92 13.63 -33.88
CA ASP D 20 -6.35 13.26 -33.65
C ASP D 20 -6.51 12.73 -32.21
N ILE D 21 -5.98 13.44 -31.22
CA ILE D 21 -6.18 13.11 -29.76
C ILE D 21 -7.52 13.73 -29.34
N PRO D 22 -8.51 12.91 -28.92
CA PRO D 22 -9.83 13.43 -28.53
C PRO D 22 -9.76 14.33 -27.28
N TRP D 23 -8.79 14.11 -26.40
CA TRP D 23 -8.71 14.80 -25.10
C TRP D 23 -7.72 15.98 -25.12
N SER D 24 -7.57 16.66 -26.27
CA SER D 24 -6.69 17.84 -26.42
C SER D 24 -7.37 19.06 -25.79
N ALA D 25 -6.60 19.89 -25.09
CA ALA D 25 -7.08 21.09 -24.37
C ALA D 25 -6.89 22.33 -25.26
N LYS D 26 -7.98 23.08 -25.49
CA LYS D 26 -7.93 24.42 -26.12
C LYS D 26 -6.93 25.28 -25.36
N GLY D 27 -5.97 25.88 -26.07
CA GLY D 27 -4.99 26.82 -25.49
C GLY D 27 -3.62 26.20 -25.31
N GLU D 28 -3.58 24.97 -24.81
CA GLU D 28 -2.31 24.30 -24.40
C GLU D 28 -1.32 24.34 -25.58
N GLN D 29 -1.76 24.10 -26.82
CA GLN D 29 -0.86 24.04 -28.00
C GLN D 29 -0.18 25.40 -28.24
N LEU D 30 -0.74 26.50 -27.72
CA LEU D 30 -0.13 27.84 -27.77
C LEU D 30 1.25 27.81 -27.10
N LEU D 31 1.38 27.07 -25.99
CA LEU D 31 2.68 26.89 -25.29
C LEU D 31 3.72 26.27 -26.24
N PHE D 32 3.39 25.17 -26.91
CA PHE D 32 4.30 24.49 -27.86
C PHE D 32 4.73 25.45 -28.96
N LYS D 33 3.78 26.12 -29.62
CA LYS D 33 4.04 27.18 -30.64
C LYS D 33 5.07 28.19 -30.13
N ALA D 34 4.84 28.78 -28.95
CA ALA D 34 5.64 29.91 -28.41
C ALA D 34 7.06 29.44 -28.11
N ILE D 35 7.21 28.30 -27.42
CA ILE D 35 8.55 27.78 -27.01
C ILE D 35 9.35 27.32 -28.24
N THR D 36 8.71 26.81 -29.30
CA THR D 36 9.40 26.14 -30.44
C THR D 36 9.69 27.11 -31.58
N TYR D 37 9.34 28.39 -31.46
CA TYR D 37 9.42 29.38 -32.57
C TYR D 37 10.89 29.62 -32.97
N ASN D 38 11.21 29.31 -34.23
CA ASN D 38 12.58 29.37 -34.83
C ASN D 38 13.54 28.51 -34.02
N GLN D 39 13.07 27.38 -33.48
CA GLN D 39 13.92 26.40 -32.77
C GLN D 39 14.16 25.15 -33.65
N TRP D 40 15.27 24.47 -33.38
CA TRP D 40 15.52 23.08 -33.80
C TRP D 40 14.72 22.12 -32.91
N LEU D 41 13.81 21.35 -33.51
CA LEU D 41 13.09 20.25 -32.84
C LEU D 41 13.78 18.91 -33.20
N LEU D 42 14.04 18.07 -32.20
CA LEU D 42 14.48 16.65 -32.39
C LEU D 42 13.28 15.71 -32.22
N VAL D 43 12.93 14.97 -33.28
CA VAL D 43 11.71 14.12 -33.36
C VAL D 43 12.07 12.79 -34.02
N GLY D 44 11.24 11.76 -33.81
CA GLY D 44 11.20 10.51 -34.59
C GLY D 44 10.45 10.69 -35.91
N ARG D 45 10.48 9.67 -36.76
CA ARG D 45 9.80 9.62 -38.09
C ARG D 45 8.31 9.93 -37.94
N LYS D 46 7.60 9.14 -37.12
CA LYS D 46 6.13 9.24 -36.87
C LYS D 46 5.80 10.68 -36.45
N THR D 47 6.44 11.20 -35.39
CA THR D 47 6.18 12.57 -34.89
C THR D 47 6.34 13.56 -36.06
N PHE D 48 7.40 13.42 -36.87
CA PHE D 48 7.66 14.34 -38.01
C PHE D 48 6.58 14.24 -39.07
N GLU D 49 6.11 13.03 -39.39
CA GLU D 49 5.06 12.78 -40.40
C GLU D 49 3.72 13.37 -39.91
N SER D 50 3.30 13.05 -38.67
CA SER D 50 2.07 13.56 -38.01
C SER D 50 2.06 15.10 -38.01
N MET D 51 3.15 15.69 -37.53
CA MET D 51 3.32 17.14 -37.29
C MET D 51 3.39 17.87 -38.63
N GLY D 52 3.89 17.19 -39.68
CA GLY D 52 4.38 17.84 -40.90
C GLY D 52 5.36 18.94 -40.53
N ALA D 53 5.81 19.74 -41.51
CA ALA D 53 6.59 20.96 -41.24
C ALA D 53 5.61 22.12 -41.03
N LEU D 54 5.23 22.39 -39.77
CA LEU D 54 4.77 23.75 -39.38
C LEU D 54 5.89 24.68 -39.81
N PRO D 55 5.60 25.90 -40.30
CA PRO D 55 6.67 26.84 -40.64
C PRO D 55 7.41 27.35 -39.40
N ASN D 56 8.58 27.98 -39.60
CA ASN D 56 9.40 28.70 -38.59
C ASN D 56 9.88 27.73 -37.50
N ARG D 57 10.07 26.47 -37.88
CA ARG D 57 10.74 25.42 -37.09
C ARG D 57 11.73 24.74 -38.02
N LYS D 58 12.82 24.21 -37.47
CA LYS D 58 13.76 23.34 -38.22
C LYS D 58 13.72 21.97 -37.55
N TYR D 59 13.89 20.89 -38.31
CA TYR D 59 13.62 19.51 -37.82
C TYR D 59 14.87 18.65 -37.99
N ALA D 60 15.29 18.02 -36.88
CA ALA D 60 16.25 16.90 -36.85
C ALA D 60 15.46 15.61 -36.59
N VAL D 61 15.18 14.84 -37.64
CA VAL D 61 14.47 13.52 -37.58
C VAL D 61 15.50 12.41 -37.38
N VAL D 62 15.45 11.69 -36.26
CA VAL D 62 16.27 10.45 -36.08
C VAL D 62 15.38 9.26 -36.48
N THR D 63 15.88 8.44 -37.41
CA THR D 63 15.28 7.14 -37.85
C THR D 63 16.37 6.26 -38.47
N ARG D 64 16.25 4.94 -38.28
CA ARG D 64 17.12 3.89 -38.86
C ARG D 64 16.47 3.33 -40.14
N SER D 65 15.40 3.97 -40.62
CA SER D 65 14.48 3.43 -41.65
C SER D 65 14.71 4.11 -43.00
N SER D 66 15.90 4.70 -43.21
CA SER D 66 16.31 5.45 -44.43
C SER D 66 15.14 6.28 -44.99
N PHE D 67 14.33 6.87 -44.08
CA PHE D 67 13.22 7.81 -44.40
C PHE D 67 13.75 8.93 -45.30
N THR D 68 12.90 9.38 -46.21
CA THR D 68 13.19 10.48 -47.18
C THR D 68 12.20 11.62 -46.95
N SER D 69 12.70 12.83 -46.74
CA SER D 69 11.92 14.09 -46.86
C SER D 69 12.49 14.93 -48.02
N ASP D 70 11.59 15.42 -48.86
CA ASP D 70 11.83 16.49 -49.87
C ASP D 70 11.35 17.81 -49.23
N ASN D 71 12.18 18.45 -48.40
CA ASN D 71 11.80 19.59 -47.53
C ASN D 71 13.05 20.30 -47.01
N GLU D 72 13.07 21.64 -47.07
CA GLU D 72 14.27 22.49 -46.84
C GLU D 72 14.71 22.44 -45.37
N ASN D 73 13.77 22.36 -44.41
CA ASN D 73 14.03 22.68 -42.99
C ASN D 73 14.24 21.40 -42.17
N VAL D 74 14.50 20.28 -42.85
CA VAL D 74 14.63 18.92 -42.26
C VAL D 74 16.05 18.41 -42.51
N LEU D 75 16.68 17.87 -41.47
CA LEU D 75 17.94 17.07 -41.54
C LEU D 75 17.64 15.67 -41.01
N ILE D 76 18.09 14.62 -41.71
CA ILE D 76 17.89 13.19 -41.33
C ILE D 76 19.19 12.68 -40.72
N PHE D 77 19.10 12.01 -39.56
CA PHE D 77 20.24 11.36 -38.87
C PHE D 77 19.84 9.94 -38.52
N PRO D 78 20.81 8.98 -38.51
CA PRO D 78 20.49 7.57 -38.24
C PRO D 78 20.30 7.29 -36.74
N SER D 79 20.91 8.09 -35.87
CA SER D 79 20.87 7.90 -34.39
C SER D 79 20.72 9.26 -33.69
N ILE D 80 20.42 9.20 -32.38
CA ILE D 80 20.37 10.37 -31.47
C ILE D 80 21.79 10.93 -31.34
N LYS D 81 22.77 10.08 -31.02
CA LYS D 81 24.21 10.45 -30.90
C LYS D 81 24.64 11.23 -32.16
N ASP D 82 24.32 10.74 -33.34
CA ASP D 82 24.77 11.36 -34.61
C ASP D 82 24.13 12.75 -34.77
N ALA D 83 22.83 12.85 -34.48
CA ALA D 83 22.05 14.11 -34.51
C ALA D 83 22.70 15.16 -33.61
N LEU D 84 22.94 14.86 -32.33
CA LEU D 84 23.45 15.83 -31.33
C LEU D 84 24.82 16.39 -31.74
N THR D 85 25.69 15.57 -32.33
CA THR D 85 27.10 15.95 -32.66
C THR D 85 27.08 16.93 -33.84
N ASN D 86 26.17 16.77 -34.81
CA ASN D 86 26.05 17.67 -35.99
C ASN D 86 25.31 18.97 -35.61
N LEU D 87 24.28 18.87 -34.77
CA LEU D 87 23.46 20.03 -34.32
C LEU D 87 24.33 20.96 -33.46
N LYS D 88 25.16 20.40 -32.58
CA LYS D 88 26.16 21.13 -31.73
C LYS D 88 26.91 22.15 -32.60
N LYS D 89 27.17 21.86 -33.87
CA LYS D 89 27.97 22.73 -34.78
C LYS D 89 27.11 23.84 -35.39
N ILE D 90 25.78 23.65 -35.39
CA ILE D 90 24.77 24.46 -36.14
C ILE D 90 23.98 25.35 -35.17
N THR D 91 23.74 24.91 -33.93
CA THR D 91 22.83 25.59 -32.97
C THR D 91 23.34 25.38 -31.54
N ASP D 92 22.98 26.30 -30.64
CA ASP D 92 23.26 26.22 -29.18
C ASP D 92 22.06 25.65 -28.41
N HIS D 93 20.97 25.29 -29.09
CA HIS D 93 19.71 24.81 -28.45
C HIS D 93 18.95 23.86 -29.36
N VAL D 94 18.59 22.69 -28.84
CA VAL D 94 17.66 21.71 -29.47
C VAL D 94 16.54 21.37 -28.47
N ILE D 95 15.31 21.25 -28.98
CA ILE D 95 14.09 20.87 -28.21
C ILE D 95 13.63 19.48 -28.68
N VAL D 96 13.72 18.50 -27.79
CA VAL D 96 13.27 17.10 -28.02
C VAL D 96 11.73 17.09 -27.98
N SER D 97 11.09 16.78 -29.11
CA SER D 97 9.63 17.03 -29.35
C SER D 97 8.83 15.76 -29.63
N GLY D 98 9.42 14.56 -29.58
CA GLY D 98 8.62 13.34 -29.33
C GLY D 98 8.88 12.17 -30.26
N GLY D 99 7.96 11.22 -30.16
CA GLY D 99 8.22 9.79 -30.01
C GLY D 99 8.42 9.52 -28.53
N GLY D 100 7.63 8.61 -27.97
CA GLY D 100 7.88 8.02 -26.63
C GLY D 100 9.31 7.49 -26.55
N GLU D 101 9.75 6.79 -27.60
CA GLU D 101 11.12 6.19 -27.63
C GLU D 101 12.17 7.30 -27.65
N ILE D 102 11.93 8.39 -28.41
CA ILE D 102 12.79 9.61 -28.41
C ILE D 102 12.90 10.16 -26.98
N TYR D 103 11.76 10.35 -26.30
CA TYR D 103 11.73 10.91 -24.92
C TYR D 103 12.45 9.95 -23.97
N LYS D 104 12.18 8.65 -24.10
CA LYS D 104 12.81 7.57 -23.26
C LYS D 104 14.34 7.68 -23.36
N SER D 105 14.89 7.74 -24.58
CA SER D 105 16.35 7.77 -24.85
C SER D 105 17.03 9.01 -24.24
N LEU D 106 16.38 10.17 -24.27
CA LEU D 106 17.05 11.48 -24.09
C LEU D 106 16.73 12.13 -22.73
N ILE D 107 15.66 11.73 -22.03
CA ILE D 107 15.16 12.52 -20.86
C ILE D 107 16.28 12.69 -19.83
N ASP D 108 17.14 11.68 -19.69
CA ASP D 108 18.19 11.63 -18.64
C ASP D 108 19.31 12.62 -19.00
N GLN D 109 19.47 12.96 -20.29
CA GLN D 109 20.55 13.83 -20.85
C GLN D 109 20.12 15.30 -21.02
N VAL D 110 18.83 15.61 -21.06
CA VAL D 110 18.33 16.99 -21.35
C VAL D 110 18.46 17.85 -20.10
N ASP D 111 18.42 19.17 -20.27
CA ASP D 111 18.59 20.19 -19.19
C ASP D 111 17.24 20.71 -18.69
N THR D 112 16.33 21.05 -19.60
CA THR D 112 15.04 21.72 -19.26
C THR D 112 13.85 20.86 -19.72
N LEU D 113 12.88 20.67 -18.83
CA LEU D 113 11.61 19.95 -19.11
C LEU D 113 10.49 20.97 -19.27
N HIS D 114 9.71 20.88 -20.35
CA HIS D 114 8.44 21.61 -20.57
C HIS D 114 7.30 20.59 -20.60
N ILE D 115 6.55 20.44 -19.51
CA ILE D 115 5.46 19.43 -19.38
C ILE D 115 4.11 20.14 -19.20
N SER D 116 3.21 19.92 -20.16
CA SER D 116 1.76 20.22 -20.10
C SER D 116 1.01 18.97 -19.64
N THR D 117 0.45 18.99 -18.43
CA THR D 117 -0.37 17.87 -17.91
C THR D 117 -1.84 18.21 -18.14
N ILE D 118 -2.52 17.46 -19.01
CA ILE D 118 -3.98 17.68 -19.26
C ILE D 118 -4.74 16.83 -18.22
N ASP D 119 -5.71 17.47 -17.54
CA ASP D 119 -6.46 16.91 -16.38
C ASP D 119 -7.48 15.88 -16.85
N ILE D 120 -7.03 14.64 -17.08
CA ILE D 120 -7.87 13.52 -17.60
C ILE D 120 -7.03 12.23 -17.62
N GLU D 121 -7.70 11.08 -17.59
CA GLU D 121 -7.08 9.74 -17.46
C GLU D 121 -7.60 8.85 -18.59
N PRO D 122 -7.18 9.09 -19.85
CA PRO D 122 -7.57 8.23 -20.95
C PRO D 122 -6.74 6.93 -20.92
N GLU D 123 -7.04 6.00 -21.84
CA GLU D 123 -6.22 4.78 -22.08
C GLU D 123 -5.24 5.09 -23.21
N GLY D 124 -4.10 4.40 -23.24
CA GLY D 124 -3.06 4.56 -24.28
C GLY D 124 -1.88 3.65 -24.00
N ASP D 125 -1.08 3.33 -25.03
CA ASP D 125 0.05 2.38 -24.92
C ASP D 125 1.37 3.15 -24.74
N VAL D 126 1.45 4.37 -25.28
CA VAL D 126 2.70 5.19 -25.23
C VAL D 126 2.63 6.12 -24.02
N TYR D 127 3.37 5.79 -22.98
CA TYR D 127 3.51 6.59 -21.75
C TYR D 127 4.82 7.38 -21.84
N PHE D 128 4.85 8.50 -21.14
CA PHE D 128 6.05 9.36 -20.95
C PHE D 128 6.84 8.76 -19.78
N PRO D 129 8.20 8.81 -19.80
CA PRO D 129 8.98 8.24 -18.70
C PRO D 129 8.66 8.93 -17.37
N GLU D 130 8.93 8.22 -16.27
CA GLU D 130 9.00 8.79 -14.89
C GLU D 130 10.16 9.82 -14.92
N ILE D 131 9.97 10.96 -14.25
CA ILE D 131 10.89 12.13 -14.29
C ILE D 131 12.08 11.85 -13.36
N PRO D 132 13.32 11.78 -13.90
CA PRO D 132 14.49 11.49 -13.06
C PRO D 132 14.51 12.45 -11.85
N SER D 133 14.98 11.96 -10.69
CA SER D 133 14.88 12.65 -9.37
C SER D 133 15.80 13.87 -9.29
N ASN D 134 16.74 14.06 -10.23
CA ASN D 134 17.67 15.23 -10.23
C ASN D 134 16.97 16.46 -10.83
N PHE D 135 15.76 16.31 -11.35
CA PHE D 135 14.92 17.42 -11.90
C PHE D 135 14.05 18.01 -10.79
N ARG D 136 14.03 19.33 -10.69
CA ARG D 136 13.12 20.09 -9.78
C ARG D 136 12.22 20.98 -10.62
N PRO D 137 10.94 21.14 -10.20
CA PRO D 137 10.05 22.12 -10.83
C PRO D 137 10.45 23.55 -10.41
N VAL D 138 10.56 24.47 -11.36
CA VAL D 138 10.96 25.88 -11.10
C VAL D 138 9.82 26.85 -11.45
N PHE D 139 8.73 26.35 -12.05
CA PHE D 139 7.62 27.18 -12.57
C PHE D 139 6.39 26.31 -12.85
N THR D 140 5.25 26.73 -12.30
CA THR D 140 3.91 26.12 -12.48
C THR D 140 2.88 27.22 -12.79
N GLN D 141 1.99 26.95 -13.75
CA GLN D 141 0.76 27.74 -13.97
C GLN D 141 -0.35 26.80 -14.44
N ASP D 142 -1.54 27.03 -13.91
CA ASP D 142 -2.79 26.25 -14.17
C ASP D 142 -3.63 27.02 -15.18
N PHE D 143 -4.28 26.29 -16.07
CA PHE D 143 -5.16 26.87 -17.11
C PHE D 143 -6.50 26.15 -17.01
N ALA D 144 -7.57 26.91 -16.82
CA ALA D 144 -8.96 26.46 -17.05
C ALA D 144 -9.22 26.43 -18.55
N SER D 145 -9.71 25.32 -19.10
CA SER D 145 -10.12 25.19 -20.52
C SER D 145 -11.25 24.15 -20.66
N ASN D 146 -11.56 23.70 -21.88
CA ASN D 146 -12.56 22.61 -22.10
C ASN D 146 -12.14 21.41 -21.26
N ILE D 147 -10.83 21.17 -21.17
CA ILE D 147 -10.23 20.29 -20.13
C ILE D 147 -9.10 21.10 -19.49
N ASN D 148 -9.05 21.16 -18.15
CA ASN D 148 -8.04 21.93 -17.39
C ASN D 148 -6.67 21.33 -17.68
N TYR D 149 -5.64 22.16 -17.72
CA TYR D 149 -4.26 21.71 -17.99
C TYR D 149 -3.33 22.58 -17.15
N SER D 150 -2.17 22.01 -16.85
CA SER D 150 -1.11 22.59 -16.01
C SER D 150 0.17 22.59 -16.81
N TYR D 151 0.87 23.72 -16.86
CA TYR D 151 2.16 23.87 -17.54
C TYR D 151 3.25 23.95 -16.47
N GLN D 152 4.27 23.09 -16.56
CA GLN D 152 5.36 23.06 -15.55
C GLN D 152 6.73 23.00 -16.24
N ILE D 153 7.65 23.85 -15.82
CA ILE D 153 9.07 23.83 -16.30
C ILE D 153 9.93 23.22 -15.19
N TRP D 154 10.68 22.17 -15.53
CA TRP D 154 11.67 21.54 -14.62
C TRP D 154 13.09 21.85 -15.09
N GLN D 155 14.03 21.95 -14.15
CA GLN D 155 15.47 22.18 -14.39
C GLN D 155 16.28 21.06 -13.73
N LYS D 156 17.33 20.60 -14.43
CA LYS D 156 18.26 19.51 -14.00
C LYS D 156 19.10 20.01 -12.82
N MET E 1 5.42 3.63 -4.11
CA MET E 1 5.51 3.27 -2.65
C MET E 1 6.91 2.71 -2.38
N LYS E 2 7.68 3.37 -1.50
CA LYS E 2 9.06 2.96 -1.15
C LYS E 2 8.99 1.82 -0.14
N LEU E 3 9.87 0.83 -0.31
CA LEU E 3 10.09 -0.28 0.65
C LEU E 3 11.41 -0.05 1.37
N SER E 4 11.36 0.06 2.69
CA SER E 4 12.57 -0.08 3.54
C SER E 4 12.61 -1.48 4.15
N LEU E 5 13.80 -1.89 4.55
CA LEU E 5 14.04 -3.11 5.35
C LEU E 5 14.86 -2.68 6.56
N MET E 6 14.51 -3.18 7.74
CA MET E 6 15.27 -2.89 8.99
C MET E 6 15.55 -4.20 9.74
N VAL E 7 16.80 -4.40 10.16
CA VAL E 7 17.23 -5.65 10.87
C VAL E 7 18.40 -5.35 11.81
N ALA E 8 18.39 -6.05 12.95
CA ALA E 8 19.54 -6.32 13.84
C ALA E 8 20.13 -7.69 13.49
N ILE E 9 21.42 -7.75 13.17
CA ILE E 9 22.17 -9.01 12.86
C ILE E 9 23.44 -9.08 13.70
N SER E 10 23.93 -10.31 13.93
CA SER E 10 25.31 -10.61 14.40
C SER E 10 26.31 -10.35 13.27
N LYS E 11 27.61 -10.39 13.58
CA LYS E 11 28.70 -10.18 12.59
C LYS E 11 28.67 -11.35 11.59
N ASN E 12 28.25 -12.55 12.01
CA ASN E 12 28.14 -13.78 11.15
C ASN E 12 26.76 -13.88 10.49
N GLY E 13 25.87 -12.92 10.69
CA GLY E 13 24.58 -12.83 9.96
C GLY E 13 23.43 -13.52 10.67
N VAL E 14 23.53 -13.88 11.95
CA VAL E 14 22.40 -14.47 12.74
C VAL E 14 21.42 -13.34 13.08
N ILE E 15 20.16 -13.46 12.64
CA ILE E 15 19.10 -12.46 12.93
C ILE E 15 18.93 -12.38 14.45
N GLY E 16 18.93 -11.16 14.98
CA GLY E 16 18.75 -10.89 16.42
C GLY E 16 17.76 -9.77 16.66
N ASN E 17 16.62 -9.80 15.96
CA ASN E 17 15.48 -8.88 16.24
C ASN E 17 14.89 -9.24 17.59
N GLY E 18 14.96 -10.54 17.95
CA GLY E 18 14.04 -11.30 18.81
C GLY E 18 13.88 -10.73 20.21
N PRO E 19 12.95 -11.30 21.03
CA PRO E 19 12.71 -10.82 22.38
C PRO E 19 13.70 -11.41 23.41
N ASP E 20 14.10 -12.67 23.23
CA ASP E 20 14.95 -13.44 24.18
C ASP E 20 16.31 -13.75 23.56
N ILE E 21 16.86 -12.84 22.74
CA ILE E 21 18.28 -12.88 22.26
C ILE E 21 19.15 -12.40 23.43
N PRO E 22 20.10 -13.23 23.93
CA PRO E 22 20.94 -12.84 25.07
C PRO E 22 22.19 -12.04 24.68
N TRP E 23 22.45 -11.86 23.37
CA TRP E 23 23.56 -11.04 22.83
C TRP E 23 23.03 -9.71 22.27
N SER E 24 21.95 -9.16 22.86
CA SER E 24 21.40 -7.84 22.45
C SER E 24 22.32 -6.72 22.99
N ALA E 25 22.50 -5.68 22.16
CA ALA E 25 23.34 -4.49 22.42
C ALA E 25 22.47 -3.35 22.95
N LYS E 26 22.66 -3.00 24.23
CA LYS E 26 22.03 -1.80 24.84
C LYS E 26 22.20 -0.60 23.89
N GLY E 27 21.09 0.05 23.59
CA GLY E 27 21.04 1.29 22.77
C GLY E 27 20.58 1.03 21.35
N GLU E 28 20.84 -0.17 20.82
CA GLU E 28 20.65 -0.49 19.38
C GLU E 28 19.16 -0.40 19.03
N GLN E 29 18.30 -0.82 19.96
CA GLN E 29 16.81 -0.82 19.79
C GLN E 29 16.31 0.63 19.61
N LEU E 30 17.00 1.64 20.16
CA LEU E 30 16.63 3.07 19.99
C LEU E 30 16.51 3.40 18.50
N LEU E 31 17.37 2.81 17.65
CA LEU E 31 17.36 3.11 16.19
C LEU E 31 16.08 2.53 15.59
N PHE E 32 15.69 1.30 15.97
CA PHE E 32 14.44 0.67 15.48
C PHE E 32 13.25 1.53 15.89
N LYS E 33 13.23 1.96 17.14
CA LYS E 33 12.14 2.80 17.69
C LYS E 33 12.02 4.08 16.87
N ALA E 34 13.12 4.79 16.61
CA ALA E 34 13.13 6.12 15.95
C ALA E 34 12.73 6.02 14.47
N ILE E 35 13.22 5.01 13.74
CA ILE E 35 12.98 4.92 12.27
C ILE E 35 11.55 4.41 11.98
N THR E 36 10.92 3.65 12.88
CA THR E 36 9.57 3.07 12.67
C THR E 36 8.44 3.89 13.33
N TYR E 37 8.72 5.08 13.87
CA TYR E 37 7.67 5.91 14.53
C TYR E 37 6.60 6.27 13.50
N ASN E 38 5.35 5.85 13.78
CA ASN E 38 4.14 6.08 12.94
C ASN E 38 4.42 5.60 11.52
N GLN E 39 5.15 4.49 11.40
CA GLN E 39 5.43 3.83 10.09
C GLN E 39 4.60 2.55 10.02
N TRP E 40 4.32 2.11 8.80
CA TRP E 40 3.80 0.74 8.51
C TRP E 40 4.97 -0.25 8.52
N LEU E 41 4.89 -1.27 9.35
CA LEU E 41 5.87 -2.38 9.45
C LEU E 41 5.24 -3.62 8.83
N LEU E 42 5.88 -4.21 7.81
CA LEU E 42 5.50 -5.52 7.24
C LEU E 42 6.26 -6.61 7.99
N VAL E 43 5.54 -7.53 8.61
CA VAL E 43 6.15 -8.63 9.43
C VAL E 43 5.38 -9.94 9.23
N GLY E 44 6.03 -11.06 9.57
CA GLY E 44 5.38 -12.38 9.69
C GLY E 44 4.65 -12.50 11.02
N ARG E 45 3.81 -13.52 11.19
CA ARG E 45 3.01 -13.74 12.43
C ARG E 45 3.93 -13.77 13.65
N LYS E 46 4.96 -14.62 13.58
CA LYS E 46 5.92 -14.91 14.67
C LYS E 46 6.55 -13.59 15.13
N THR E 47 7.03 -12.75 14.21
CA THR E 47 7.62 -11.42 14.56
C THR E 47 6.55 -10.55 15.23
N PHE E 48 5.30 -10.60 14.76
CA PHE E 48 4.20 -9.73 15.28
C PHE E 48 3.90 -10.11 16.73
N GLU E 49 3.81 -11.40 17.05
CA GLU E 49 3.42 -11.92 18.38
C GLU E 49 4.48 -11.55 19.44
N SER E 50 5.77 -11.68 19.11
CA SER E 50 6.91 -11.26 19.99
C SER E 50 6.84 -9.75 20.27
N MET E 51 6.64 -8.95 19.22
CA MET E 51 6.75 -7.46 19.27
C MET E 51 5.51 -6.85 19.92
N GLY E 52 4.35 -7.50 19.81
CA GLY E 52 3.06 -6.90 20.19
C GLY E 52 2.81 -5.65 19.38
N ALA E 53 1.58 -5.12 19.43
CA ALA E 53 1.18 -3.90 18.69
C ALA E 53 1.69 -2.67 19.44
N LEU E 54 2.97 -2.30 19.24
CA LEU E 54 3.66 -1.18 19.94
C LEU E 54 2.87 0.10 19.70
N PRO E 55 2.69 0.97 20.72
CA PRO E 55 2.06 2.27 20.49
C PRO E 55 2.70 3.01 19.29
N ASN E 56 1.86 3.58 18.42
CA ASN E 56 2.25 4.48 17.30
C ASN E 56 3.00 3.68 16.22
N ARG E 57 2.73 2.38 16.10
CA ARG E 57 3.17 1.51 14.98
C ARG E 57 1.93 0.95 14.26
N LYS E 58 1.96 0.89 12.95
CA LYS E 58 0.93 0.21 12.10
C LYS E 58 1.56 -1.09 11.55
N TYR E 59 0.82 -2.20 11.51
CA TYR E 59 1.35 -3.54 11.20
C TYR E 59 0.59 -4.19 10.05
N ALA E 60 1.35 -4.57 9.02
CA ALA E 60 0.93 -5.46 7.91
C ALA E 60 1.53 -6.85 8.16
N VAL E 61 0.75 -7.75 8.77
CA VAL E 61 1.16 -9.14 9.14
C VAL E 61 0.83 -10.06 7.97
N VAL E 62 1.80 -10.76 7.39
CA VAL E 62 1.51 -11.77 6.34
C VAL E 62 1.65 -13.14 7.00
N THR E 63 0.57 -13.92 6.95
CA THR E 63 0.47 -15.30 7.48
C THR E 63 -0.61 -16.03 6.68
N ARG E 64 -0.44 -17.34 6.48
CA ARG E 64 -1.43 -18.23 5.83
C ARG E 64 -2.37 -18.79 6.92
N SER E 65 -1.93 -18.77 8.18
CA SER E 65 -2.73 -19.15 9.36
C SER E 65 -4.00 -18.29 9.43
N SER E 66 -4.98 -18.74 10.22
CA SER E 66 -6.23 -18.00 10.55
C SER E 66 -5.98 -17.12 11.77
N PHE E 67 -5.19 -16.06 11.57
CA PHE E 67 -4.76 -15.12 12.64
C PHE E 67 -5.87 -14.08 12.85
N THR E 68 -6.19 -13.86 14.13
CA THR E 68 -7.27 -12.96 14.64
C THR E 68 -6.59 -11.84 15.46
N SER E 69 -7.03 -10.58 15.30
CA SER E 69 -6.55 -9.42 16.09
C SER E 69 -7.52 -8.23 16.00
N ASP E 70 -7.60 -7.46 17.08
CA ASP E 70 -8.69 -6.51 17.44
C ASP E 70 -8.12 -5.08 17.49
N ASN E 71 -7.71 -4.50 16.35
CA ASN E 71 -6.85 -3.28 16.32
C ASN E 71 -6.76 -2.69 14.91
N GLU E 72 -7.08 -1.39 14.75
CA GLU E 72 -7.18 -0.68 13.44
C GLU E 72 -5.77 -0.32 12.93
N ASN E 73 -4.76 -0.50 13.78
CA ASN E 73 -3.32 -0.37 13.44
C ASN E 73 -2.77 -1.71 12.90
N VAL E 74 -3.58 -2.78 12.87
CA VAL E 74 -3.12 -4.14 12.47
C VAL E 74 -4.01 -4.72 11.36
N LEU E 75 -3.42 -4.96 10.17
CA LEU E 75 -4.04 -5.62 8.99
C LEU E 75 -3.35 -6.97 8.75
N ILE E 76 -4.12 -8.01 8.39
CA ILE E 76 -3.65 -9.40 8.12
C ILE E 76 -3.82 -9.70 6.63
N PHE E 77 -2.80 -10.24 5.98
CA PHE E 77 -2.78 -10.56 4.53
C PHE E 77 -2.34 -12.01 4.32
N PRO E 78 -2.94 -12.73 3.35
CA PRO E 78 -2.52 -14.09 3.04
C PRO E 78 -1.09 -14.15 2.48
N SER E 79 -0.72 -13.20 1.61
CA SER E 79 0.59 -13.17 0.90
C SER E 79 1.28 -11.80 1.00
N ILE E 80 2.59 -11.78 0.74
CA ILE E 80 3.38 -10.53 0.58
C ILE E 80 2.77 -9.74 -0.57
N LYS E 81 2.60 -10.36 -1.74
CA LYS E 81 2.04 -9.69 -2.93
C LYS E 81 0.69 -9.05 -2.57
N ASP E 82 -0.10 -9.70 -1.71
CA ASP E 82 -1.44 -9.20 -1.31
C ASP E 82 -1.30 -7.99 -0.36
N ALA E 83 -0.40 -8.07 0.62
CA ALA E 83 -0.06 -6.95 1.53
C ALA E 83 0.35 -5.70 0.73
N LEU E 84 1.16 -5.88 -0.32
CA LEU E 84 1.82 -4.75 -1.04
C LEU E 84 0.80 -3.99 -1.88
N THR E 85 -0.09 -4.69 -2.58
CA THR E 85 -1.09 -4.06 -3.47
C THR E 85 -2.04 -3.23 -2.59
N ASN E 86 -2.39 -3.74 -1.39
CA ASN E 86 -3.35 -3.05 -0.48
C ASN E 86 -2.65 -1.89 0.25
N LEU E 87 -1.41 -2.05 0.71
CA LEU E 87 -0.66 -0.97 1.41
C LEU E 87 -0.43 0.20 0.43
N LYS E 88 -0.22 -0.10 -0.84
CA LYS E 88 0.03 0.89 -1.92
C LYS E 88 -1.12 1.92 -1.95
N LYS E 89 -2.33 1.55 -1.51
CA LYS E 89 -3.55 2.40 -1.54
C LYS E 89 -3.64 3.26 -0.27
N ILE E 90 -2.83 2.96 0.75
CA ILE E 90 -2.98 3.46 2.15
C ILE E 90 -1.77 4.33 2.55
N THR E 91 -0.60 4.10 1.97
CA THR E 91 0.69 4.70 2.43
C THR E 91 1.70 4.71 1.28
N ASP E 92 2.72 5.58 1.39
CA ASP E 92 3.82 5.72 0.40
C ASP E 92 5.09 5.03 0.92
N HIS E 93 5.09 4.49 2.14
CA HIS E 93 6.28 3.88 2.79
C HIS E 93 5.86 2.71 3.68
N VAL E 94 6.50 1.55 3.46
CA VAL E 94 6.42 0.35 4.34
C VAL E 94 7.84 -0.08 4.74
N ILE E 95 8.02 -0.48 6.01
CA ILE E 95 9.30 -1.01 6.54
C ILE E 95 9.14 -2.52 6.78
N VAL E 96 9.84 -3.35 6.00
CA VAL E 96 9.97 -4.81 6.20
C VAL E 96 10.78 -5.02 7.50
N SER E 97 10.20 -5.67 8.51
CA SER E 97 10.77 -5.67 9.89
C SER E 97 10.92 -7.06 10.49
N GLY E 98 10.88 -8.14 9.72
CA GLY E 98 11.40 -9.43 10.20
C GLY E 98 10.42 -10.60 10.13
N GLY E 99 10.95 -11.75 10.54
CA GLY E 99 10.89 -13.02 9.78
C GLY E 99 12.10 -13.13 8.86
N GLY E 100 12.95 -14.13 9.08
CA GLY E 100 13.99 -14.54 8.12
C GLY E 100 13.38 -14.69 6.74
N GLU E 101 12.21 -15.33 6.65
CA GLU E 101 11.55 -15.68 5.36
C GLU E 101 10.99 -14.41 4.71
N ILE E 102 10.44 -13.50 5.50
CA ILE E 102 9.95 -12.16 5.04
C ILE E 102 11.12 -11.45 4.34
N TYR E 103 12.26 -11.32 5.02
CA TYR E 103 13.46 -10.60 4.52
C TYR E 103 13.92 -11.24 3.20
N LYS E 104 14.05 -12.57 3.21
CA LYS E 104 14.47 -13.42 2.05
C LYS E 104 13.58 -13.11 0.83
N SER E 105 12.26 -13.10 1.01
CA SER E 105 11.27 -12.88 -0.07
C SER E 105 11.40 -11.47 -0.66
N LEU E 106 11.73 -10.46 0.15
CA LEU E 106 11.49 -9.03 -0.18
C LEU E 106 12.81 -8.27 -0.44
N ILE E 107 13.97 -8.76 -0.01
CA ILE E 107 15.23 -7.96 -0.04
C ILE E 107 15.57 -7.47 -1.46
N ASP E 108 15.30 -8.28 -2.51
CA ASP E 108 15.65 -7.94 -3.91
C ASP E 108 14.55 -7.05 -4.52
N GLN E 109 13.59 -6.58 -3.71
CA GLN E 109 12.51 -5.64 -4.13
C GLN E 109 12.63 -4.29 -3.42
N VAL E 110 13.32 -4.22 -2.27
CA VAL E 110 13.26 -3.02 -1.38
C VAL E 110 14.23 -1.95 -1.92
N ASP E 111 14.13 -0.72 -1.40
CA ASP E 111 14.91 0.45 -1.85
C ASP E 111 15.98 0.81 -0.80
N THR E 112 15.72 0.60 0.49
CA THR E 112 16.64 1.06 1.57
C THR E 112 16.80 -0.04 2.62
N LEU E 113 18.05 -0.30 3.03
CA LEU E 113 18.40 -1.26 4.10
C LEU E 113 18.83 -0.47 5.35
N HIS E 114 18.25 -0.78 6.51
CA HIS E 114 18.75 -0.37 7.85
C HIS E 114 19.27 -1.61 8.58
N ILE E 115 20.58 -1.73 8.71
CA ILE E 115 21.27 -2.92 9.30
C ILE E 115 22.03 -2.46 10.54
N SER E 116 21.67 -2.99 11.70
CA SER E 116 22.49 -2.95 12.93
C SER E 116 23.30 -4.24 13.01
N THR E 117 24.63 -4.14 13.03
CA THR E 117 25.54 -5.31 13.15
C THR E 117 26.11 -5.30 14.57
N ILE E 118 25.79 -6.32 15.38
CA ILE E 118 26.28 -6.48 16.78
C ILE E 118 27.62 -7.21 16.72
N ASP E 119 28.64 -6.68 17.40
CA ASP E 119 30.06 -7.14 17.33
C ASP E 119 30.21 -8.43 18.14
N ILE E 120 29.67 -9.53 17.62
CA ILE E 120 29.69 -10.87 18.26
C ILE E 120 29.38 -11.90 17.17
N GLU E 121 29.77 -13.16 17.40
CA GLU E 121 29.69 -14.28 16.42
C GLU E 121 29.01 -15.47 17.08
N PRO E 122 27.70 -15.40 17.40
CA PRO E 122 27.05 -16.47 18.16
C PRO E 122 26.49 -17.56 17.23
N GLU E 123 25.89 -18.59 17.82
CA GLU E 123 25.21 -19.70 17.08
C GLU E 123 23.73 -19.33 16.91
N GLY E 124 23.18 -19.65 15.73
CA GLY E 124 21.73 -19.63 15.44
C GLY E 124 21.41 -20.31 14.11
N ASP E 125 20.14 -20.58 13.83
CA ASP E 125 19.68 -21.29 12.60
C ASP E 125 19.10 -20.29 11.58
N VAL E 126 18.62 -19.12 12.01
CA VAL E 126 18.02 -18.11 11.10
C VAL E 126 19.09 -17.07 10.76
N TYR E 127 19.44 -16.95 9.47
CA TYR E 127 20.46 -16.01 8.96
C TYR E 127 19.79 -14.96 8.07
N PHE E 128 20.30 -13.73 8.10
CA PHE E 128 19.88 -12.67 7.18
C PHE E 128 20.43 -13.04 5.81
N PRO E 129 19.71 -12.81 4.70
CA PRO E 129 20.25 -13.13 3.38
C PRO E 129 21.51 -12.33 3.04
N GLU E 130 22.18 -12.72 1.97
CA GLU E 130 23.23 -11.95 1.25
C GLU E 130 22.65 -10.60 0.87
N ILE E 131 23.38 -9.50 1.06
CA ILE E 131 22.97 -8.17 0.54
C ILE E 131 23.10 -8.21 -0.99
N PRO E 132 21.99 -8.09 -1.75
CA PRO E 132 22.08 -8.05 -3.22
C PRO E 132 23.19 -7.10 -3.71
N SER E 133 23.83 -7.49 -4.81
CA SER E 133 25.02 -6.85 -5.42
C SER E 133 24.82 -5.35 -5.66
N ASN E 134 23.59 -4.90 -5.92
CA ASN E 134 23.27 -3.52 -6.36
C ASN E 134 23.26 -2.52 -5.19
N PHE E 135 23.31 -2.97 -3.94
CA PHE E 135 23.21 -2.07 -2.75
C PHE E 135 24.60 -1.51 -2.37
N ARG E 136 24.66 -0.26 -1.92
CA ARG E 136 25.88 0.37 -1.35
C ARG E 136 25.56 1.10 -0.05
N PRO E 137 26.42 0.99 0.99
CA PRO E 137 26.25 1.78 2.21
C PRO E 137 26.54 3.27 1.96
N VAL E 138 25.61 4.14 2.36
CA VAL E 138 25.67 5.62 2.12
C VAL E 138 25.84 6.35 3.45
N PHE E 139 25.92 5.61 4.56
CA PHE E 139 26.00 6.15 5.93
C PHE E 139 26.38 5.01 6.87
N THR E 140 27.36 5.28 7.73
CA THR E 140 27.88 4.35 8.76
C THR E 140 28.08 5.14 10.06
N GLN E 141 27.81 4.52 11.21
CA GLN E 141 28.19 5.09 12.52
C GLN E 141 28.34 3.92 13.50
N ASP E 142 29.38 3.96 14.34
CA ASP E 142 29.68 2.93 15.37
C ASP E 142 29.22 3.44 16.74
N PHE E 143 29.01 2.50 17.65
CA PHE E 143 28.49 2.73 19.01
C PHE E 143 29.24 1.78 19.93
N ALA E 144 29.84 2.28 21.00
CA ALA E 144 30.29 1.47 22.14
C ALA E 144 29.08 1.21 23.04
N SER E 145 28.93 -0.04 23.48
CA SER E 145 27.92 -0.46 24.48
C SER E 145 28.42 -1.74 25.15
N ASN E 146 27.53 -2.50 25.81
CA ASN E 146 27.87 -3.76 26.52
C ASN E 146 28.45 -4.75 25.51
N ILE E 147 27.87 -4.78 24.30
CA ILE E 147 28.49 -5.34 23.07
C ILE E 147 28.39 -4.24 22.02
N ASN E 148 29.50 -3.94 21.31
CA ASN E 148 29.59 -2.84 20.31
C ASN E 148 28.64 -3.14 19.14
N TYR E 149 28.15 -2.11 18.45
CA TYR E 149 27.32 -2.26 17.24
C TYR E 149 27.65 -1.11 16.29
N SER E 150 27.51 -1.36 14.99
CA SER E 150 27.58 -0.35 13.90
C SER E 150 26.21 -0.29 13.22
N TYR E 151 25.76 0.91 12.86
CA TYR E 151 24.48 1.17 12.17
C TYR E 151 24.88 1.57 10.75
N GLN E 152 24.29 0.93 9.75
CA GLN E 152 24.64 1.17 8.33
C GLN E 152 23.35 1.26 7.52
N ILE E 153 23.17 2.34 6.77
CA ILE E 153 22.04 2.51 5.81
C ILE E 153 22.58 2.26 4.40
N TRP E 154 21.89 1.43 3.61
CA TRP E 154 22.27 1.07 2.23
C TRP E 154 21.19 1.52 1.24
N GLN E 155 21.60 1.99 0.06
CA GLN E 155 20.70 2.45 -1.04
C GLN E 155 20.99 1.68 -2.32
N LYS E 156 20.09 1.84 -3.32
CA LYS E 156 20.02 1.07 -4.59
C LYS E 156 20.54 1.95 -5.74
N MET F 1 39.47 11.99 12.89
CA MET F 1 38.20 12.08 13.68
C MET F 1 37.06 12.57 12.78
N LYS F 2 35.96 11.80 12.71
CA LYS F 2 34.73 12.18 11.96
C LYS F 2 33.92 13.19 12.80
N LEU F 3 33.36 14.20 12.12
CA LEU F 3 32.46 15.20 12.75
C LEU F 3 31.07 15.05 12.11
N SER F 4 30.07 14.80 12.96
CA SER F 4 28.63 14.82 12.58
C SER F 4 28.01 16.11 13.14
N LEU F 5 26.86 16.49 12.58
CA LEU F 5 26.04 17.63 13.04
C LEU F 5 24.60 17.13 13.12
N MET F 6 23.93 17.31 14.25
CA MET F 6 22.48 17.03 14.41
C MET F 6 21.74 18.30 14.86
N VAL F 7 20.58 18.55 14.22
CA VAL F 7 19.68 19.71 14.47
C VAL F 7 18.24 19.34 14.08
N ALA F 8 17.28 19.84 14.85
CA ALA F 8 15.86 20.01 14.47
C ALA F 8 15.68 21.45 13.99
N ILE F 9 15.11 21.64 12.78
CA ILE F 9 14.75 22.96 12.20
C ILE F 9 13.29 22.93 11.73
N SER F 10 12.69 24.12 11.61
CA SER F 10 11.44 24.40 10.88
C SER F 10 11.73 24.40 9.37
N LYS F 11 10.67 24.44 8.55
CA LYS F 11 10.79 24.47 7.06
C LYS F 11 11.53 25.75 6.65
N ASN F 12 11.42 26.82 7.44
CA ASN F 12 12.00 28.16 7.14
C ASN F 12 13.33 28.39 7.87
N GLY F 13 13.83 27.42 8.64
CA GLY F 13 15.23 27.41 9.09
C GLY F 13 15.42 27.76 10.56
N VAL F 14 14.35 27.92 11.33
CA VAL F 14 14.46 28.24 12.78
C VAL F 14 14.95 26.98 13.50
N ILE F 15 15.77 27.15 14.54
CA ILE F 15 16.35 26.05 15.35
C ILE F 15 15.31 25.61 16.37
N GLY F 16 14.92 24.33 16.33
CA GLY F 16 13.84 23.75 17.14
C GLY F 16 14.37 22.77 18.18
N ASN F 17 15.63 22.92 18.57
CA ASN F 17 16.30 22.04 19.58
C ASN F 17 15.67 22.21 20.97
N GLY F 18 15.34 23.47 21.32
CA GLY F 18 15.18 23.96 22.72
C GLY F 18 14.03 23.29 23.45
N PRO F 19 14.00 23.39 24.81
CA PRO F 19 13.01 22.68 25.62
C PRO F 19 11.60 23.24 25.43
N ASP F 20 11.50 24.57 25.32
CA ASP F 20 10.22 25.32 25.36
C ASP F 20 9.77 25.67 23.93
N ILE F 21 10.26 24.94 22.91
CA ILE F 21 9.78 25.10 21.50
C ILE F 21 8.36 24.55 21.42
N PRO F 22 7.36 25.38 21.07
CA PRO F 22 5.97 24.94 21.08
C PRO F 22 5.61 24.10 19.85
N TRP F 23 6.42 24.15 18.78
CA TRP F 23 6.16 23.43 17.51
C TRP F 23 7.03 22.17 17.38
N SER F 24 7.45 21.56 18.49
CA SER F 24 8.20 20.27 18.43
C SER F 24 7.23 19.16 17.98
N ALA F 25 7.74 18.18 17.24
CA ALA F 25 7.00 17.02 16.72
C ALA F 25 7.25 15.81 17.63
N LYS F 26 6.18 15.16 18.09
CA LYS F 26 6.24 13.88 18.84
C LYS F 26 6.89 12.84 17.92
N GLY F 27 7.85 12.08 18.44
CA GLY F 27 8.60 11.05 17.69
C GLY F 27 9.95 11.52 17.18
N GLU F 28 10.08 12.80 16.82
CA GLU F 28 11.29 13.36 16.16
C GLU F 28 12.51 13.20 17.08
N GLN F 29 12.32 13.37 18.38
CA GLN F 29 13.43 13.41 19.38
C GLN F 29 14.01 11.99 19.58
N LEU F 30 13.28 10.94 19.18
CA LEU F 30 13.80 9.53 19.16
C LEU F 30 15.04 9.44 18.26
N LEU F 31 15.06 10.21 17.16
CA LEU F 31 16.17 10.21 16.18
C LEU F 31 17.43 10.76 16.85
N PHE F 32 17.31 11.89 17.55
CA PHE F 32 18.41 12.51 18.34
C PHE F 32 18.92 11.55 19.40
N LYS F 33 18.00 10.88 20.11
CA LYS F 33 18.32 9.93 21.21
C LYS F 33 19.05 8.71 20.63
N ALA F 34 18.62 8.19 19.48
CA ALA F 34 19.22 6.98 18.86
C ALA F 34 20.66 7.28 18.39
N ILE F 35 20.83 8.36 17.60
CA ILE F 35 22.06 8.75 16.86
C ILE F 35 23.17 9.13 17.85
N THR F 36 22.82 9.62 19.04
CA THR F 36 23.77 10.17 20.04
C THR F 36 24.05 9.16 21.15
N TYR F 37 23.54 7.93 21.06
CA TYR F 37 23.79 6.90 22.12
C TYR F 37 25.30 6.70 22.27
N ASN F 38 25.76 6.79 23.53
CA ASN F 38 27.18 6.75 23.97
C ASN F 38 28.07 7.53 23.00
N GLN F 39 27.64 8.71 22.53
CA GLN F 39 28.47 9.56 21.63
C GLN F 39 29.00 10.78 22.38
N TRP F 40 30.02 11.43 21.82
CA TRP F 40 30.49 12.78 22.21
C TRP F 40 29.69 13.84 21.46
N LEU F 41 29.02 14.73 22.22
CA LEU F 41 28.32 15.93 21.70
C LEU F 41 29.15 17.18 22.01
N LEU F 42 29.30 18.04 21.00
CA LEU F 42 29.94 19.35 21.11
C LEU F 42 28.83 20.41 21.09
N VAL F 43 28.60 21.08 22.21
CA VAL F 43 27.50 22.06 22.41
C VAL F 43 28.07 23.34 23.03
N GLY F 44 27.35 24.46 22.87
CA GLY F 44 27.57 25.69 23.64
C GLY F 44 27.01 25.57 25.06
N ARG F 45 27.21 26.58 25.89
CA ARG F 45 26.78 26.54 27.31
C ARG F 45 25.25 26.53 27.41
N LYS F 46 24.55 27.34 26.61
CA LYS F 46 23.06 27.43 26.65
C LYS F 46 22.44 26.07 26.30
N THR F 47 22.93 25.43 25.23
CA THR F 47 22.44 24.10 24.80
C THR F 47 22.66 23.08 25.92
N PHE F 48 23.83 23.08 26.58
CA PHE F 48 24.16 22.11 27.66
C PHE F 48 23.21 22.31 28.85
N GLU F 49 23.05 23.55 29.33
CA GLU F 49 22.23 23.91 30.52
C GLU F 49 20.76 23.54 30.27
N SER F 50 20.25 23.79 29.05
CA SER F 50 18.88 23.46 28.60
C SER F 50 18.69 21.94 28.57
N MET F 51 19.65 21.20 28.00
CA MET F 51 19.55 19.74 27.77
C MET F 51 19.82 18.96 29.07
N GLY F 52 20.79 19.40 29.87
CA GLY F 52 21.27 18.62 31.03
C GLY F 52 22.16 17.45 30.61
N ALA F 53 22.77 16.79 31.60
CA ALA F 53 23.77 15.71 31.46
C ALA F 53 23.06 14.36 31.33
N LEU F 54 22.43 14.12 30.18
CA LEU F 54 21.45 13.01 30.00
C LEU F 54 22.19 11.67 30.05
N PRO F 55 21.52 10.56 30.43
CA PRO F 55 22.15 9.25 30.44
C PRO F 55 22.76 8.91 29.08
N ASN F 56 23.95 8.28 29.08
CA ASN F 56 24.59 7.59 27.93
C ASN F 56 25.10 8.63 26.92
N ARG F 57 25.26 9.89 27.32
CA ARG F 57 25.89 10.93 26.47
C ARG F 57 27.13 11.50 27.16
N LYS F 58 28.09 11.96 26.37
CA LYS F 58 29.30 12.69 26.84
C LYS F 58 29.37 14.03 26.11
N TYR F 59 29.84 15.07 26.80
CA TYR F 59 29.62 16.49 26.43
C TYR F 59 30.95 17.24 26.40
N ALA F 60 31.21 17.90 25.27
CA ALA F 60 32.28 18.90 25.08
C ALA F 60 31.60 20.28 24.99
N VAL F 61 31.54 20.99 26.12
CA VAL F 61 30.92 22.34 26.24
C VAL F 61 31.96 23.38 25.86
N VAL F 62 31.78 24.10 24.74
CA VAL F 62 32.71 25.21 24.38
C VAL F 62 32.06 26.53 24.81
N THR F 63 32.80 27.30 25.64
CA THR F 63 32.38 28.58 26.27
C THR F 63 33.64 29.33 26.74
N ARG F 64 33.66 30.65 26.50
CA ARG F 64 34.68 31.61 27.00
C ARG F 64 34.30 31.96 28.44
N SER F 65 33.04 31.69 28.83
CA SER F 65 32.48 32.03 30.16
C SER F 65 33.08 31.12 31.23
N SER F 66 32.92 31.49 32.50
CA SER F 66 33.38 30.72 33.69
C SER F 66 32.35 29.63 34.03
N PHE F 67 32.33 28.55 33.25
CA PHE F 67 31.44 27.38 33.45
C PHE F 67 32.23 26.28 34.18
N THR F 68 31.55 25.51 35.03
CA THR F 68 32.16 24.44 35.87
C THR F 68 31.21 23.23 35.95
N SER F 69 31.78 22.03 36.12
CA SER F 69 31.06 20.73 36.16
C SER F 69 31.80 19.74 37.07
N ASP F 70 31.04 18.94 37.84
CA ASP F 70 31.48 17.81 38.70
C ASP F 70 31.56 16.50 37.90
N ASN F 71 31.12 16.55 36.65
CA ASN F 71 30.69 15.36 35.88
C ASN F 71 31.84 14.93 34.97
N GLU F 72 32.36 13.72 35.21
CA GLU F 72 33.38 13.02 34.41
C GLU F 72 33.06 13.10 32.92
N ASN F 73 31.78 13.03 32.53
CA ASN F 73 31.35 12.91 31.12
C ASN F 73 31.19 14.30 30.50
N VAL F 74 31.52 15.37 31.25
CA VAL F 74 31.38 16.79 30.80
C VAL F 74 32.78 17.43 30.77
N LEU F 75 33.27 17.84 29.60
CA LEU F 75 34.56 18.55 29.43
C LEU F 75 34.30 20.00 28.97
N ILE F 76 35.13 20.96 29.41
CA ILE F 76 34.98 22.42 29.14
C ILE F 76 36.18 22.87 28.31
N PHE F 77 35.95 23.55 27.19
CA PHE F 77 37.01 24.06 26.29
C PHE F 77 36.73 25.54 26.04
N PRO F 78 37.75 26.41 26.01
CA PRO F 78 37.53 27.84 25.78
C PRO F 78 37.01 28.13 24.36
N SER F 79 37.38 27.28 23.39
CA SER F 79 37.12 27.47 21.94
C SER F 79 36.90 26.12 21.23
N ILE F 80 36.36 26.20 20.01
CA ILE F 80 36.12 25.05 19.11
C ILE F 80 37.46 24.41 18.74
N LYS F 81 38.45 25.23 18.35
CA LYS F 81 39.84 24.80 18.03
C LYS F 81 40.37 23.91 19.16
N ASP F 82 40.30 24.39 20.39
CA ASP F 82 40.78 23.68 21.61
C ASP F 82 39.99 22.38 21.82
N ALA F 83 38.67 22.38 21.56
CA ALA F 83 37.82 21.17 21.76
C ALA F 83 38.28 20.06 20.79
N LEU F 84 38.47 20.39 19.51
CA LEU F 84 38.76 19.41 18.44
C LEU F 84 40.14 18.75 18.66
N THR F 85 41.20 19.52 18.93
CA THR F 85 42.58 18.97 19.08
C THR F 85 42.62 18.05 20.30
N ASN F 86 41.90 18.39 21.38
CA ASN F 86 41.87 17.58 22.63
C ASN F 86 40.98 16.35 22.46
N LEU F 87 39.86 16.48 21.73
CA LEU F 87 38.86 15.38 21.53
C LEU F 87 39.44 14.33 20.57
N LYS F 88 40.21 14.78 19.56
CA LYS F 88 40.94 13.92 18.57
C LYS F 88 41.75 12.82 19.28
N LYS F 89 42.01 12.97 20.59
CA LYS F 89 42.86 12.07 21.41
C LYS F 89 42.01 11.15 22.29
N ILE F 90 40.69 11.20 22.18
CA ILE F 90 39.73 10.48 23.10
C ILE F 90 38.63 9.75 22.31
N THR F 91 38.39 10.09 21.05
CA THR F 91 37.26 9.53 20.26
C THR F 91 37.51 9.72 18.76
N ASP F 92 36.88 8.88 17.94
CA ASP F 92 36.93 8.96 16.46
C ASP F 92 35.74 9.79 15.97
N HIS F 93 34.81 10.14 16.86
CA HIS F 93 33.48 10.68 16.49
C HIS F 93 32.99 11.73 17.50
N VAL F 94 32.60 12.90 17.00
CA VAL F 94 31.95 14.00 17.78
C VAL F 94 30.76 14.49 16.97
N ILE F 95 29.64 14.74 17.65
CA ILE F 95 28.38 15.26 17.04
C ILE F 95 28.13 16.69 17.50
N VAL F 96 28.22 17.63 16.57
CA VAL F 96 27.93 19.08 16.80
C VAL F 96 26.42 19.18 16.99
N SER F 97 25.95 19.37 18.22
CA SER F 97 24.52 19.23 18.64
C SER F 97 23.94 20.56 19.11
N GLY F 98 24.65 21.67 18.88
CA GLY F 98 23.99 22.98 18.75
C GLY F 98 24.47 24.05 19.71
N GLY F 99 23.68 25.13 19.70
CA GLY F 99 24.10 26.53 19.54
C GLY F 99 24.01 26.89 18.06
N GLY F 100 23.26 27.94 17.73
CA GLY F 100 23.29 28.61 16.42
C GLY F 100 24.69 29.02 16.04
N GLU F 101 25.42 29.68 16.93
CA GLU F 101 26.84 30.08 16.68
C GLU F 101 27.73 28.85 16.51
N ILE F 102 27.56 27.82 17.35
CA ILE F 102 28.32 26.53 17.25
C ILE F 102 28.15 25.97 15.82
N TYR F 103 26.90 25.81 15.36
CA TYR F 103 26.53 25.33 14.01
C TYR F 103 27.21 26.18 12.92
N LYS F 104 27.11 27.52 13.04
CA LYS F 104 27.65 28.49 12.05
C LYS F 104 29.19 28.39 12.01
N SER F 105 29.82 28.17 13.17
CA SER F 105 31.29 28.07 13.32
C SER F 105 31.84 26.74 12.73
N LEU F 106 31.04 25.68 12.62
CA LEU F 106 31.56 24.32 12.31
C LEU F 106 30.95 23.71 11.04
N ILE F 107 29.83 24.21 10.50
CA ILE F 107 29.09 23.45 9.43
C ILE F 107 30.04 23.16 8.26
N ASP F 108 30.97 24.06 7.94
CA ASP F 108 31.87 23.92 6.75
C ASP F 108 32.82 22.74 6.98
N GLN F 109 33.07 22.37 8.25
CA GLN F 109 34.12 21.41 8.69
C GLN F 109 33.58 19.99 8.95
N VAL F 110 32.26 19.80 9.07
CA VAL F 110 31.68 18.47 9.46
C VAL F 110 31.57 17.56 8.22
N ASP F 111 31.46 16.26 8.46
CA ASP F 111 31.43 15.20 7.42
C ASP F 111 29.97 14.81 7.14
N THR F 112 29.12 14.80 8.17
CA THR F 112 27.73 14.23 8.11
C THR F 112 26.73 15.17 8.80
N LEU F 113 25.62 15.47 8.12
CA LEU F 113 24.47 16.28 8.62
C LEU F 113 23.31 15.32 8.95
N HIS F 114 22.77 15.41 10.17
CA HIS F 114 21.48 14.82 10.60
C HIS F 114 20.48 15.94 10.83
N ILE F 115 19.57 16.17 9.87
CA ILE F 115 18.55 17.28 9.90
C ILE F 115 17.13 16.70 10.03
N SER F 116 16.46 17.02 11.13
CA SER F 116 14.99 16.90 11.29
C SER F 116 14.36 18.23 10.87
N THR F 117 13.57 18.23 9.78
CA THR F 117 12.81 19.41 9.29
C THR F 117 11.36 19.23 9.73
N ILE F 118 10.86 20.07 10.66
CA ILE F 118 9.42 20.11 11.10
C ILE F 118 8.62 20.87 10.04
N ASP F 119 7.45 20.36 9.62
CA ASP F 119 6.60 20.99 8.57
C ASP F 119 5.79 22.16 9.17
N ILE F 120 6.44 23.30 9.39
CA ILE F 120 5.81 24.55 9.91
C ILE F 120 6.74 25.73 9.56
N GLU F 121 6.20 26.95 9.52
CA GLU F 121 6.95 28.21 9.24
C GLU F 121 6.72 29.21 10.37
N PRO F 122 7.20 28.94 11.61
CA PRO F 122 6.99 29.86 12.72
C PRO F 122 7.91 31.09 12.70
N GLU F 123 7.74 31.95 13.72
CA GLU F 123 8.63 33.10 14.03
C GLU F 123 9.80 32.59 14.90
N GLY F 124 10.98 33.18 14.71
CA GLY F 124 12.20 32.96 15.52
C GLY F 124 13.31 33.90 15.10
N ASP F 125 14.39 33.96 15.90
CA ASP F 125 15.57 34.84 15.67
C ASP F 125 16.84 34.01 15.50
N VAL F 126 16.85 32.74 15.94
CA VAL F 126 18.01 31.82 15.75
C VAL F 126 17.72 30.85 14.58
N TYR F 127 18.41 31.07 13.47
CA TYR F 127 18.30 30.27 12.22
C TYR F 127 19.52 29.35 12.08
N PHE F 128 19.32 28.22 11.40
CA PHE F 128 20.39 27.27 11.01
C PHE F 128 21.08 27.82 9.76
N PRO F 129 22.44 27.70 9.63
CA PRO F 129 23.14 28.27 8.49
C PRO F 129 22.68 27.61 7.17
N GLU F 130 22.87 28.29 6.05
CA GLU F 130 22.71 27.67 4.71
C GLU F 130 23.60 26.41 4.68
N ILE F 131 23.16 25.38 3.97
CA ILE F 131 23.92 24.11 3.80
C ILE F 131 24.92 24.31 2.66
N PRO F 132 26.25 24.16 2.90
CA PRO F 132 27.24 24.31 1.84
C PRO F 132 26.95 23.43 0.61
N SER F 133 27.43 23.87 -0.55
CA SER F 133 27.09 23.30 -1.88
C SER F 133 27.80 21.95 -2.11
N ASN F 134 28.72 21.54 -1.22
CA ASN F 134 29.47 20.26 -1.35
C ASN F 134 28.87 19.19 -0.42
N PHE F 135 27.73 19.45 0.22
CA PHE F 135 26.87 18.42 0.88
C PHE F 135 25.75 18.01 -0.08
N ARG F 136 25.50 16.71 -0.24
CA ARG F 136 24.28 16.17 -0.91
C ARG F 136 23.52 15.27 0.08
N PRO F 137 22.18 15.17 -0.02
CA PRO F 137 21.42 14.22 0.79
C PRO F 137 21.62 12.79 0.27
N VAL F 138 21.70 11.82 1.16
CA VAL F 138 21.88 10.38 0.80
C VAL F 138 20.77 9.52 1.41
N PHE F 139 19.99 10.04 2.36
CA PHE F 139 18.83 9.37 3.01
C PHE F 139 17.74 10.37 3.36
N THR F 140 16.48 10.04 3.06
CA THR F 140 15.28 10.82 3.49
C THR F 140 14.17 9.87 3.97
N GLN F 141 13.41 10.27 5.00
CA GLN F 141 12.21 9.53 5.44
C GLN F 141 11.21 10.48 6.13
N ASP F 142 9.96 10.43 5.68
CA ASP F 142 8.83 11.30 6.16
C ASP F 142 8.12 10.63 7.33
N PHE F 143 7.71 11.42 8.31
CA PHE F 143 6.92 10.97 9.48
C PHE F 143 5.69 11.86 9.60
N ALA F 144 4.51 11.24 9.71
CA ALA F 144 3.25 11.88 10.14
C ALA F 144 3.24 11.95 11.67
N SER F 145 2.93 13.10 12.27
CA SER F 145 2.74 13.25 13.74
C SER F 145 1.83 14.46 14.01
N ASN F 146 1.72 14.90 15.27
CA ASN F 146 0.98 16.14 15.67
C ASN F 146 1.35 17.26 14.69
N ILE F 147 2.65 17.50 14.48
CA ILE F 147 3.19 18.21 13.27
C ILE F 147 4.04 17.19 12.51
N ASN F 148 3.96 17.18 11.18
CA ASN F 148 4.73 16.25 10.32
C ASN F 148 6.20 16.65 10.37
N TYR F 149 7.13 15.71 10.12
CA TYR F 149 8.57 16.02 10.01
C TYR F 149 9.24 15.03 9.05
N SER F 150 10.34 15.49 8.48
CA SER F 150 11.22 14.75 7.54
C SER F 150 12.59 14.65 8.19
N TYR F 151 13.20 13.45 8.11
CA TYR F 151 14.60 13.17 8.54
C TYR F 151 15.45 12.95 7.29
N GLN F 152 16.59 13.64 7.22
CA GLN F 152 17.46 13.70 6.02
C GLN F 152 18.91 13.76 6.47
N ILE F 153 19.74 12.82 5.97
CA ILE F 153 21.20 12.69 6.24
C ILE F 153 21.94 13.13 4.98
N TRP F 154 22.87 14.07 5.13
CA TRP F 154 23.72 14.64 4.03
C TRP F 154 25.15 14.19 4.25
N GLN F 155 25.88 13.95 3.16
CA GLN F 155 27.32 13.56 3.18
C GLN F 155 28.14 14.58 2.38
N LYS F 156 29.31 14.96 2.88
CA LYS F 156 30.25 15.89 2.18
C LYS F 156 30.78 15.20 0.92
N GLY F 157 30.59 15.83 -0.25
CA GLY F 157 30.84 15.24 -1.59
C GLY F 157 31.79 16.07 -2.42
#